data_1TVH
#
_entry.id   1TVH
#
_cell.length_a   58.407
_cell.length_b   84.485
_cell.length_c   84.014
_cell.angle_alpha   90.00
_cell.angle_beta   90.11
_cell.angle_gamma   90.00
#
_symmetry.space_group_name_H-M   'P 1 21 1'
#
loop_
_entity.id
_entity.type
_entity.pdbx_description
1 polymer 'HLA class I histocompatibility antigen, A-2 alpha chain'
2 polymer Beta-2-microglobulin
3 polymer 'epitope of Melanocyte protein Pmel 17'
4 non-polymer GLYCEROL
5 water water
#
loop_
_entity_poly.entity_id
_entity_poly.type
_entity_poly.pdbx_seq_one_letter_code
_entity_poly.pdbx_strand_id
1 'polypeptide(L)'
;GSHSMRYFFTSVSRPGRGEPRFIAVGYVDDTQFVRFDSDAASQRMEPRAPWIEQEGPEYWDGETRKVKAHSQTHRVDLGT
LRGYYNQSEAGSHTVQRMYGCDVGSDWRFLRGYHQYAYDGKDYIALKEDLRSWTAADMAAQTTKHKWEAAHVAEQLRAYL
EGTCVEWLRRYLENGKETLQRTDAPKTHMTHHAVSDHEATLRCWALSFYPAEITLTWQRDGEDQTQDTELVETRPAGDGT
FQKWAAVVVPSGQEQRYTCHVQHEGLPKPLTLRWE
;
A,D
2 'polypeptide(L)'
;MIQRTPKIQVYSRHPAENGKSNFLNCYVSGFHPSDIEVDLLKNGERIEKVEHSDLSFSKDWSFYLLYYTEFTPTEKDEYA
CRVNHVTLSQPKIVKWDRDM
;
B,E
3 'polypeptide(L)' IMDQVPFSV C,F
#
# COMPACT_ATOMS: atom_id res chain seq x y z
N GLY A 1 5.68 11.14 10.14
CA GLY A 1 5.58 10.92 11.62
C GLY A 1 5.65 9.43 11.94
N SER A 2 5.75 8.60 10.90
CA SER A 2 5.80 7.16 11.06
C SER A 2 7.21 6.63 11.43
N HIS A 3 7.30 5.55 12.25
CA HIS A 3 8.60 5.03 12.75
C HIS A 3 8.85 3.55 12.68
N SER A 4 10.12 3.15 12.76
CA SER A 4 10.40 1.75 12.65
C SER A 4 11.58 1.40 13.57
N MET A 5 11.62 0.19 14.11
CA MET A 5 12.86 -0.31 14.67
C MET A 5 13.24 -1.57 13.90
N ARG A 6 14.52 -1.70 13.51
CA ARG A 6 14.91 -2.86 12.78
C ARG A 6 16.28 -3.29 13.23
N TYR A 7 16.47 -4.60 13.35
CA TYR A 7 17.76 -5.24 13.59
C TYR A 7 18.27 -6.00 12.35
N PHE A 8 19.56 -5.90 12.04
CA PHE A 8 20.12 -6.45 10.80
C PHE A 8 21.30 -7.33 11.19
N PHE A 9 21.40 -8.54 10.66
CA PHE A 9 22.38 -9.51 11.13
C PHE A 9 23.03 -10.15 9.90
N THR A 10 24.35 -10.20 9.80
CA THR A 10 24.98 -10.77 8.63
C THR A 10 26.01 -11.74 9.12
N SER A 11 26.01 -12.91 8.56
CA SER A 11 27.09 -13.83 8.92
C SER A 11 27.70 -14.46 7.66
N VAL A 12 29.03 -14.51 7.63
CA VAL A 12 29.77 -14.94 6.45
C VAL A 12 30.80 -16.01 6.82
N SER A 13 30.71 -17.15 6.17
CA SER A 13 31.63 -18.23 6.42
C SER A 13 32.91 -17.88 5.71
N ARG A 14 34.02 -18.35 6.30
CA ARG A 14 35.34 -18.19 5.76
C ARG A 14 36.10 -19.50 6.04
N PRO A 15 35.80 -20.55 5.30
CA PRO A 15 36.30 -21.88 5.67
C PRO A 15 37.83 -21.92 5.58
N GLY A 16 38.45 -22.33 6.69
CA GLY A 16 39.90 -22.42 6.74
C GLY A 16 40.56 -21.08 7.06
N ARG A 17 39.76 -20.13 7.52
CA ARG A 17 40.25 -18.89 8.09
C ARG A 17 39.44 -18.67 9.37
N GLY A 18 39.03 -19.77 9.98
CA GLY A 18 38.30 -19.78 11.23
C GLY A 18 36.77 -19.76 11.19
N GLU A 19 36.21 -19.27 12.29
CA GLU A 19 34.79 -19.07 12.54
C GLU A 19 34.15 -18.03 11.58
N PRO A 20 32.87 -18.17 11.25
CA PRO A 20 32.16 -17.18 10.42
C PRO A 20 32.23 -15.75 10.98
N ARG A 21 32.39 -14.74 10.13
CA ARG A 21 32.34 -13.35 10.61
C ARG A 21 30.88 -13.07 10.92
N PHE A 22 30.62 -12.36 12.01
CA PHE A 22 29.23 -12.04 12.41
C PHE A 22 29.11 -10.56 12.74
N ILE A 23 28.15 -9.85 12.12
CA ILE A 23 27.92 -8.43 12.41
C ILE A 23 26.44 -8.14 12.65
N ALA A 24 26.09 -7.41 13.71
CA ALA A 24 24.71 -7.10 13.99
C ALA A 24 24.57 -5.62 14.19
N VAL A 25 23.54 -5.01 13.57
CA VAL A 25 23.30 -3.57 13.78
C VAL A 25 21.81 -3.32 14.07
N GLY A 26 21.51 -2.33 14.91
CA GLY A 26 20.10 -2.03 15.14
C GLY A 26 19.86 -0.57 14.79
N TYR A 27 18.69 -0.25 14.21
CA TYR A 27 18.35 1.10 13.79
C TYR A 27 16.99 1.50 14.34
N VAL A 28 16.81 2.76 14.66
CA VAL A 28 15.48 3.30 14.81
C VAL A 28 15.39 4.27 13.66
N ASP A 29 14.41 4.04 12.80
CA ASP A 29 14.24 4.82 11.54
C ASP A 29 15.56 4.72 10.75
N ASP A 30 16.16 5.85 10.38
CA ASP A 30 17.45 5.84 9.69
C ASP A 30 18.69 6.17 10.62
N THR A 31 18.59 5.89 11.90
CA THR A 31 19.65 6.27 12.85
C THR A 31 20.16 5.02 13.51
N GLN A 32 21.45 4.69 13.37
CA GLN A 32 21.90 3.43 13.97
C GLN A 32 22.08 3.66 15.49
N PHE A 33 21.78 2.63 16.33
CA PHE A 33 21.97 2.85 17.77
C PHE A 33 22.76 1.76 18.47
N VAL A 34 22.92 0.60 17.87
CA VAL A 34 23.78 -0.44 18.48
C VAL A 34 24.56 -1.22 17.43
N ARG A 35 25.65 -1.84 17.84
CA ARG A 35 26.36 -2.77 16.94
C ARG A 35 27.01 -3.87 17.78
N PHE A 36 27.29 -4.97 17.08
CA PHE A 36 28.18 -6.03 17.52
C PHE A 36 29.01 -6.57 16.34
N ASP A 37 30.30 -6.77 16.53
CA ASP A 37 31.08 -7.33 15.41
C ASP A 37 31.84 -8.47 16.06
N SER A 38 31.76 -9.69 15.52
CA SER A 38 32.47 -10.89 16.02
C SER A 38 34.00 -10.75 16.08
N ASP A 39 34.55 -10.01 15.14
CA ASP A 39 35.99 -9.87 15.08
C ASP A 39 36.60 -8.76 15.92
N ALA A 40 35.77 -7.95 16.57
CA ALA A 40 36.35 -6.88 17.34
C ALA A 40 36.83 -7.41 18.70
N ALA A 41 37.67 -6.61 19.33
CA ALA A 41 38.32 -6.95 20.59
C ALA A 41 37.36 -6.97 21.78
N SER A 42 36.37 -6.11 21.78
CA SER A 42 35.51 -5.96 22.95
C SER A 42 34.59 -7.16 23.28
N GLN A 43 34.07 -7.85 22.25
CA GLN A 43 33.06 -8.90 22.41
C GLN A 43 31.81 -8.45 23.12
N ARG A 44 31.45 -7.17 22.93
CA ARG A 44 30.28 -6.57 23.54
C ARG A 44 29.37 -5.95 22.53
N MET A 45 28.07 -6.01 22.77
CA MET A 45 27.10 -5.11 22.10
C MET A 45 27.46 -3.69 22.57
N GLU A 46 27.63 -2.78 21.62
CA GLU A 46 28.09 -1.42 21.90
C GLU A 46 27.12 -0.34 21.38
N PRO A 47 27.09 0.82 22.06
CA PRO A 47 26.21 1.95 21.71
C PRO A 47 26.73 2.68 20.48
N ARG A 48 25.84 3.10 19.61
CA ARG A 48 26.23 3.90 18.41
C ARG A 48 25.38 5.17 18.26
N ALA A 49 24.63 5.52 19.29
CA ALA A 49 23.87 6.78 19.34
C ALA A 49 23.88 7.28 20.77
N PRO A 50 24.03 8.58 21.03
CA PRO A 50 24.08 9.13 22.41
C PRO A 50 22.88 8.77 23.30
N TRP A 51 21.69 8.64 22.73
CA TRP A 51 20.54 8.35 23.56
C TRP A 51 20.43 6.94 24.06
N ILE A 52 21.20 6.00 23.51
CA ILE A 52 21.11 4.64 24.03
C ILE A 52 22.08 4.47 25.22
N GLU A 53 22.98 5.43 25.38
CA GLU A 53 24.09 5.28 26.35
C GLU A 53 23.61 5.22 27.80
N GLN A 54 22.42 5.77 28.06
CA GLN A 54 21.83 5.79 29.39
C GLN A 54 21.28 4.43 29.84
N GLU A 55 21.13 3.48 28.92
CA GLU A 55 20.75 2.16 29.31
C GLU A 55 21.78 1.55 30.32
N GLY A 56 21.28 0.82 31.33
CA GLY A 56 22.11 0.35 32.44
C GLY A 56 22.86 -0.91 32.09
N PRO A 57 23.67 -1.40 33.00
CA PRO A 57 24.47 -2.58 32.70
C PRO A 57 23.66 -3.89 32.41
N GLU A 58 22.43 -4.01 32.91
CA GLU A 58 21.59 -5.15 32.59
C GLU A 58 21.22 -5.19 31.13
N TYR A 59 21.04 -4.00 30.55
CA TYR A 59 20.75 -3.81 29.15
C TYR A 59 21.92 -4.31 28.36
N TRP A 60 23.11 -3.75 28.63
CA TRP A 60 24.32 -4.15 27.86
C TRP A 60 24.71 -5.64 28.01
N ASP A 61 24.60 -6.13 29.21
CA ASP A 61 24.96 -7.53 29.47
C ASP A 61 23.94 -8.47 28.80
N GLY A 62 22.67 -8.10 28.80
CA GLY A 62 21.61 -8.88 28.20
C GLY A 62 21.66 -8.90 26.70
N GLU A 63 21.88 -7.74 26.11
CA GLU A 63 21.97 -7.66 24.65
C GLU A 63 23.23 -8.33 24.16
N THR A 64 24.32 -8.22 24.92
CA THR A 64 25.55 -8.95 24.56
C THR A 64 25.29 -10.45 24.54
N ARG A 65 24.63 -10.97 25.56
CA ARG A 65 24.33 -12.44 25.61
C ARG A 65 23.42 -12.86 24.45
N LYS A 66 22.39 -12.06 24.23
CA LYS A 66 21.45 -12.35 23.12
C LYS A 66 22.09 -12.29 21.77
N VAL A 67 23.00 -11.34 21.59
CA VAL A 67 23.54 -11.21 20.23
C VAL A 67 24.54 -12.29 19.95
N LYS A 68 25.27 -12.71 20.98
CA LYS A 68 26.24 -13.82 20.87
C LYS A 68 25.50 -15.13 20.64
N ALA A 69 24.29 -15.18 21.16
CA ALA A 69 23.44 -16.37 20.92
C ALA A 69 22.93 -16.39 19.51
N HIS A 70 22.52 -15.24 18.96
CA HIS A 70 22.22 -15.11 17.51
C HIS A 70 23.40 -15.56 16.67
N SER A 71 24.63 -15.15 17.03
CA SER A 71 25.86 -15.51 16.28
C SER A 71 26.03 -17.06 16.16
N GLN A 72 25.76 -17.77 17.24
CA GLN A 72 25.93 -19.21 17.34
C GLN A 72 24.90 -19.89 16.42
N THR A 73 23.68 -19.41 16.45
CA THR A 73 22.61 -20.00 15.64
C THR A 73 22.96 -19.85 14.17
N HIS A 74 23.53 -18.70 13.80
CA HIS A 74 23.91 -18.49 12.37
C HIS A 74 25.05 -19.37 12.03
N ARG A 75 25.95 -19.64 12.99
CA ARG A 75 27.06 -20.56 12.74
C ARG A 75 26.52 -21.95 12.44
N VAL A 76 25.49 -22.37 13.18
CA VAL A 76 24.81 -23.65 12.88
C VAL A 76 24.14 -23.68 11.52
N ASP A 77 23.36 -22.65 11.25
CA ASP A 77 22.64 -22.43 9.99
C ASP A 77 23.52 -22.56 8.75
N LEU A 78 24.71 -21.97 8.82
CA LEU A 78 25.67 -22.07 7.73
C LEU A 78 25.99 -23.54 7.39
N GLY A 79 26.23 -24.36 8.42
CA GLY A 79 26.36 -25.78 8.28
C GLY A 79 25.13 -26.43 7.66
N THR A 80 23.98 -26.06 8.16
CA THR A 80 22.71 -26.72 7.77
C THR A 80 22.37 -26.40 6.33
N LEU A 81 22.49 -25.12 5.96
CA LEU A 81 22.29 -24.68 4.56
C LEU A 81 23.20 -25.33 3.57
N ARG A 82 24.48 -25.50 3.87
CA ARG A 82 25.35 -26.27 3.00
C ARG A 82 24.80 -27.65 2.70
N GLY A 83 24.26 -28.29 3.72
CA GLY A 83 23.65 -29.60 3.59
C GLY A 83 22.41 -29.52 2.77
N TYR A 84 21.54 -28.55 3.07
CA TYR A 84 20.28 -28.45 2.28
C TYR A 84 20.57 -28.25 0.78
N TYR A 85 21.60 -27.47 0.47
CA TYR A 85 21.92 -27.22 -0.94
C TYR A 85 23.05 -28.05 -1.55
N ASN A 86 23.52 -29.06 -0.80
CA ASN A 86 24.67 -29.94 -1.15
C ASN A 86 25.89 -29.14 -1.71
N GLN A 87 26.32 -28.15 -0.95
CA GLN A 87 27.36 -27.25 -1.39
C GLN A 87 28.61 -27.67 -0.68
N SER A 88 29.75 -27.33 -1.27
CA SER A 88 31.03 -27.80 -0.80
C SER A 88 31.55 -26.96 0.36
N GLU A 89 32.60 -27.47 0.98
CA GLU A 89 33.25 -26.86 2.11
C GLU A 89 34.08 -25.68 1.77
N ALA A 90 34.42 -25.45 0.50
CA ALA A 90 35.54 -24.50 0.19
C ALA A 90 35.14 -23.21 -0.51
N GLY A 91 33.89 -22.84 -0.28
CA GLY A 91 33.32 -21.62 -0.78
C GLY A 91 32.72 -20.89 0.39
N SER A 92 32.82 -19.55 0.35
CA SER A 92 32.17 -18.66 1.35
C SER A 92 30.69 -18.47 1.07
N HIS A 93 29.88 -18.55 2.10
CA HIS A 93 28.45 -18.30 1.99
C HIS A 93 27.92 -17.24 2.95
N THR A 94 26.78 -16.68 2.63
CA THR A 94 26.29 -15.53 3.44
C THR A 94 24.88 -15.76 3.96
N VAL A 95 24.67 -15.62 5.26
CA VAL A 95 23.30 -15.61 5.80
C VAL A 95 22.98 -14.22 6.35
N GLN A 96 21.76 -13.77 6.07
CA GLN A 96 21.29 -12.43 6.50
C GLN A 96 19.92 -12.60 7.13
N ARG A 97 19.68 -11.82 8.18
CA ARG A 97 18.40 -11.81 8.86
C ARG A 97 18.06 -10.37 9.24
N MET A 98 16.79 -10.01 9.06
CA MET A 98 16.37 -8.72 9.53
C MET A 98 15.04 -8.83 10.11
N TYR A 99 14.80 -8.11 11.23
CA TYR A 99 13.43 -8.14 11.76
C TYR A 99 13.15 -6.91 12.49
N GLY A 100 11.86 -6.69 12.74
CA GLY A 100 11.41 -5.50 13.42
C GLY A 100 10.00 -5.08 13.23
N CYS A 101 9.71 -3.84 13.55
CA CYS A 101 8.30 -3.45 13.59
C CYS A 101 8.17 -2.01 13.15
N ASP A 102 6.97 -1.66 12.63
CA ASP A 102 6.64 -0.29 12.27
C ASP A 102 5.45 0.13 13.11
N VAL A 103 5.39 1.43 13.45
CA VAL A 103 4.25 2.07 14.10
C VAL A 103 3.86 3.31 13.34
N GLY A 104 2.63 3.78 13.51
CA GLY A 104 2.16 4.92 12.76
C GLY A 104 2.65 6.21 13.40
N SER A 105 2.18 7.34 12.87
CA SER A 105 2.34 8.62 13.54
C SER A 105 1.75 8.67 14.96
N ASP A 106 0.77 7.82 15.25
CA ASP A 106 0.23 7.73 16.61
C ASP A 106 0.95 6.74 17.53
N TRP A 107 2.01 6.10 17.01
CA TRP A 107 2.86 5.13 17.70
C TRP A 107 2.13 3.82 17.98
N ARG A 108 1.08 3.57 17.22
CA ARG A 108 0.52 2.26 17.33
C ARG A 108 1.09 1.37 16.26
N PHE A 109 1.22 0.09 16.58
CA PHE A 109 1.66 -0.96 15.63
C PHE A 109 0.99 -0.90 14.24
N LEU A 110 1.80 -0.89 13.18
CA LEU A 110 1.35 -0.99 11.81
C LEU A 110 1.57 -2.42 11.29
N ARG A 111 2.85 -2.79 11.28
CA ARG A 111 3.41 -3.95 10.59
C ARG A 111 4.57 -4.57 11.37
N GLY A 112 4.71 -5.91 11.26
CA GLY A 112 5.89 -6.59 11.79
C GLY A 112 6.56 -7.39 10.67
N TYR A 113 7.84 -7.74 10.84
CA TYR A 113 8.56 -8.49 9.80
C TYR A 113 9.75 -9.23 10.34
N HIS A 114 10.09 -10.34 9.70
CA HIS A 114 11.16 -11.19 10.13
C HIS A 114 11.50 -12.00 8.87
N GLN A 115 12.66 -11.76 8.33
CA GLN A 115 13.03 -12.41 7.09
C GLN A 115 14.47 -12.77 7.07
N TYR A 116 14.76 -13.75 6.20
CA TYR A 116 16.02 -14.40 6.17
C TYR A 116 16.40 -14.59 4.69
N ALA A 117 17.70 -14.41 4.38
CA ALA A 117 18.23 -14.63 3.06
C ALA A 117 19.47 -15.50 3.12
N TYR A 118 19.68 -16.28 2.06
CA TYR A 118 20.93 -17.04 1.96
C TYR A 118 21.55 -16.73 0.63
N ASP A 119 22.85 -16.37 0.68
CA ASP A 119 23.59 -15.93 -0.49
C ASP A 119 22.86 -14.84 -1.28
N GLY A 120 22.26 -13.89 -0.57
CA GLY A 120 21.73 -12.72 -1.26
C GLY A 120 20.31 -12.83 -1.84
N LYS A 121 19.61 -13.96 -1.60
CA LYS A 121 18.23 -13.98 -2.06
C LYS A 121 17.33 -14.52 -0.98
N ASP A 122 16.04 -14.22 -1.15
CA ASP A 122 15.04 -14.52 -0.14
C ASP A 122 15.12 -16.02 0.12
N TYR A 123 15.07 -16.40 1.40
CA TYR A 123 15.04 -17.81 1.82
C TYR A 123 13.70 -18.09 2.53
N ILE A 124 13.50 -17.49 3.72
CA ILE A 124 12.15 -17.62 4.31
C ILE A 124 11.71 -16.30 5.05
N ALA A 125 10.41 -16.03 5.15
CA ALA A 125 9.93 -14.77 5.71
C ALA A 125 8.55 -15.02 6.32
N LEU A 126 8.32 -14.42 7.49
CA LEU A 126 7.01 -14.31 8.08
C LEU A 126 6.12 -13.50 7.21
N LYS A 127 4.89 -13.96 7.02
CA LYS A 127 3.94 -13.24 6.22
C LYS A 127 3.33 -12.13 7.04
N GLU A 128 2.56 -11.26 6.38
CA GLU A 128 1.99 -10.08 7.04
C GLU A 128 1.09 -10.37 8.29
N ASP A 129 0.45 -11.53 8.33
CA ASP A 129 -0.40 -11.86 9.46
C ASP A 129 0.39 -12.39 10.68
N LEU A 130 1.70 -12.59 10.52
CA LEU A 130 2.59 -13.05 11.54
C LEU A 130 2.22 -14.44 12.06
N ARG A 131 1.58 -15.24 11.21
CA ARG A 131 1.07 -16.55 11.61
C ARG A 131 1.53 -17.60 10.67
N SER A 132 2.10 -17.18 9.55
CA SER A 132 2.54 -18.14 8.54
C SER A 132 3.81 -17.65 7.80
N TRP A 133 4.41 -18.55 7.00
CA TRP A 133 5.66 -18.35 6.33
C TRP A 133 5.62 -18.36 4.78
N THR A 134 6.45 -17.51 4.16
CA THR A 134 6.67 -17.62 2.70
C THR A 134 8.01 -18.24 2.53
N ALA A 135 8.05 -19.46 1.96
CA ALA A 135 9.34 -20.13 1.71
C ALA A 135 9.70 -20.05 0.25
N ALA A 136 10.93 -19.65 -0.05
CA ALA A 136 11.29 -19.24 -1.41
C ALA A 136 11.64 -20.34 -2.41
N ASP A 137 11.95 -21.52 -1.88
CA ASP A 137 12.45 -22.67 -2.63
C ASP A 137 12.20 -23.94 -1.82
N MET A 138 12.72 -25.09 -2.30
CA MET A 138 12.38 -26.35 -1.62
C MET A 138 13.11 -26.50 -0.31
N ALA A 139 14.37 -26.07 -0.33
CA ALA A 139 15.09 -26.04 0.96
C ALA A 139 14.49 -25.22 2.04
N ALA A 140 14.01 -24.05 1.69
CA ALA A 140 13.27 -23.26 2.63
C ALA A 140 11.93 -23.87 3.07
N GLN A 141 11.26 -24.71 2.26
CA GLN A 141 10.12 -25.46 2.73
C GLN A 141 10.49 -26.42 3.92
N THR A 142 11.69 -27.01 3.86
CA THR A 142 12.14 -27.84 4.97
C THR A 142 12.25 -27.02 6.26
N THR A 143 12.86 -25.83 6.17
CA THR A 143 12.81 -24.91 7.30
C THR A 143 11.41 -24.58 7.73
N LYS A 144 10.52 -24.36 6.76
CA LYS A 144 9.12 -24.08 7.10
C LYS A 144 8.45 -25.18 7.94
N HIS A 145 8.70 -26.43 7.59
CA HIS A 145 8.08 -27.55 8.30
C HIS A 145 8.59 -27.61 9.73
N LYS A 146 9.88 -27.34 9.90
CA LYS A 146 10.54 -27.39 11.19
C LYS A 146 10.09 -26.24 12.03
N TRP A 147 9.89 -25.07 11.42
CA TRP A 147 9.43 -23.91 12.18
C TRP A 147 7.92 -23.96 12.50
N GLU A 148 7.13 -24.59 11.63
CA GLU A 148 5.75 -24.81 12.03
C GLU A 148 5.61 -25.84 13.15
N ALA A 149 6.38 -26.93 13.10
CA ALA A 149 6.32 -27.92 14.18
C ALA A 149 6.77 -27.31 15.53
N ALA A 150 7.64 -26.31 15.47
CA ALA A 150 8.23 -25.69 16.68
C ALA A 150 7.50 -24.42 17.10
N HIS A 151 6.38 -24.11 16.43
CA HIS A 151 5.53 -22.95 16.74
C HIS A 151 6.35 -21.64 16.84
N VAL A 152 7.30 -21.49 15.94
CA VAL A 152 8.18 -20.33 15.91
C VAL A 152 7.42 -19.02 15.63
N ALA A 153 6.40 -19.10 14.77
CA ALA A 153 5.70 -17.83 14.37
C ALA A 153 4.99 -17.23 15.56
N GLU A 154 4.44 -18.06 16.43
CA GLU A 154 3.75 -17.53 17.57
C GLU A 154 4.67 -16.78 18.57
N GLN A 155 5.91 -17.25 18.71
CA GLN A 155 6.84 -16.59 19.63
C GLN A 155 7.31 -15.31 18.99
N LEU A 156 7.44 -15.36 17.69
CA LEU A 156 7.85 -14.16 16.99
C LEU A 156 6.78 -13.05 17.00
N ARG A 157 5.56 -13.41 16.67
CA ARG A 157 4.46 -12.46 16.80
C ARG A 157 4.38 -11.72 18.16
N ALA A 158 4.48 -12.47 19.28
CA ALA A 158 4.52 -11.89 20.60
C ALA A 158 5.62 -10.79 20.76
N TYR A 159 6.80 -11.04 20.22
CA TYR A 159 7.89 -10.04 20.18
C TYR A 159 7.50 -8.82 19.34
N LEU A 160 7.07 -9.06 18.09
CA LEU A 160 6.90 -7.99 17.11
C LEU A 160 5.74 -7.09 17.49
N GLU A 161 4.68 -7.67 18.03
CA GLU A 161 3.54 -6.86 18.49
C GLU A 161 3.64 -6.21 19.89
N GLY A 162 4.44 -6.81 20.76
CA GLY A 162 4.49 -6.37 22.14
C GLY A 162 5.81 -5.68 22.38
N THR A 163 6.80 -6.46 22.81
CA THR A 163 8.18 -6.03 23.05
C THR A 163 8.79 -5.04 22.05
N CYS A 164 8.69 -5.38 20.76
CA CYS A 164 9.34 -4.57 19.73
C CYS A 164 8.77 -3.17 19.81
N VAL A 165 7.44 -3.06 19.85
CA VAL A 165 6.89 -1.73 19.79
C VAL A 165 6.98 -1.01 21.15
N GLU A 166 7.08 -1.75 22.25
CA GLU A 166 7.35 -1.12 23.55
C GLU A 166 8.72 -0.43 23.59
N TRP A 167 9.72 -1.13 23.08
CA TRP A 167 11.07 -0.60 23.13
C TRP A 167 11.21 0.51 22.12
N LEU A 168 10.59 0.36 20.92
CA LEU A 168 10.59 1.45 19.93
C LEU A 168 10.04 2.72 20.53
N ARG A 169 8.93 2.60 21.27
CA ARG A 169 8.36 3.76 22.00
C ARG A 169 9.29 4.42 22.95
N ARG A 170 9.90 3.60 23.79
CA ARG A 170 10.89 4.04 24.73
C ARG A 170 12.02 4.79 24.03
N TYR A 171 12.54 4.22 22.94
CA TYR A 171 13.67 4.83 22.24
C TYR A 171 13.27 6.16 21.62
N LEU A 172 12.03 6.22 21.10
CA LEU A 172 11.56 7.42 20.39
C LEU A 172 11.45 8.53 21.37
N GLU A 173 11.04 8.21 22.59
CA GLU A 173 11.01 9.23 23.63
C GLU A 173 12.36 9.62 24.30
N ASN A 174 13.22 8.66 24.65
CA ASN A 174 14.59 8.97 25.11
C ASN A 174 15.48 9.71 24.11
N GLY A 175 15.28 9.38 22.84
CA GLY A 175 16.00 9.92 21.72
C GLY A 175 15.26 11.00 20.98
N LYS A 176 14.34 11.67 21.69
CA LYS A 176 13.37 12.62 21.14
C LYS A 176 14.02 13.62 20.16
N GLU A 177 15.06 14.27 20.63
CA GLU A 177 15.58 15.41 19.88
C GLU A 177 16.19 14.95 18.57
N THR A 178 16.80 13.79 18.54
CA THR A 178 17.32 13.37 17.26
C THR A 178 16.44 12.47 16.40
N LEU A 179 15.58 11.68 17.01
CA LEU A 179 14.72 10.77 16.28
C LEU A 179 13.40 11.37 15.87
N GLN A 180 12.86 12.26 16.67
CA GLN A 180 11.59 12.94 16.31
C GLN A 180 11.87 14.29 15.71
N ARG A 181 12.87 14.41 14.87
CA ARG A 181 13.06 15.68 14.22
C ARG A 181 12.76 15.48 12.73
N THR A 182 12.57 16.58 12.02
CA THR A 182 12.52 16.48 10.57
C THR A 182 13.38 17.60 10.09
N ASP A 183 14.41 17.29 9.30
CA ASP A 183 15.18 18.33 8.72
C ASP A 183 14.79 18.36 7.24
N ALA A 184 14.27 19.50 6.78
CA ALA A 184 13.83 19.65 5.38
C ALA A 184 15.06 19.77 4.48
N PRO A 185 15.03 19.24 3.26
CA PRO A 185 16.14 19.39 2.32
C PRO A 185 16.35 20.81 1.86
N LYS A 186 17.62 21.18 1.82
CA LYS A 186 18.06 22.43 1.27
C LYS A 186 18.34 22.12 -0.21
N THR A 187 17.69 22.82 -1.11
CA THR A 187 17.68 22.33 -2.51
C THR A 187 18.29 23.35 -3.41
N HIS A 188 18.83 22.87 -4.52
CA HIS A 188 19.28 23.70 -5.61
C HIS A 188 19.51 22.87 -6.86
N MET A 189 19.67 23.54 -8.00
CA MET A 189 20.07 22.86 -9.18
C MET A 189 21.43 23.41 -9.73
N THR A 190 22.28 22.54 -10.31
CA THR A 190 23.48 23.04 -10.99
C THR A 190 23.36 22.84 -12.52
N HIS A 191 24.09 23.68 -13.24
CA HIS A 191 24.14 23.63 -14.66
C HIS A 191 25.61 23.59 -15.12
N HIS A 192 25.98 22.59 -15.92
CA HIS A 192 27.34 22.54 -16.53
C HIS A 192 27.29 22.04 -17.97
N ALA A 193 27.96 22.73 -18.88
CA ALA A 193 27.94 22.37 -20.32
C ALA A 193 28.73 21.08 -20.44
N VAL A 194 28.31 20.12 -21.24
CA VAL A 194 29.19 18.98 -21.45
C VAL A 194 29.85 19.09 -22.81
N SER A 195 29.30 19.96 -23.65
CA SER A 195 29.85 20.29 -24.96
C SER A 195 29.20 21.63 -25.34
N ASP A 196 29.29 22.05 -26.61
CA ASP A 196 28.66 23.33 -26.97
C ASP A 196 27.18 23.20 -27.35
N HIS A 197 26.64 21.99 -27.19
CA HIS A 197 25.26 21.80 -27.53
C HIS A 197 24.47 21.07 -26.47
N GLU A 198 25.13 20.60 -25.41
CA GLU A 198 24.41 19.95 -24.32
C GLU A 198 24.89 20.41 -22.94
N ALA A 199 23.99 20.33 -21.97
CA ALA A 199 24.32 20.64 -20.57
C ALA A 199 23.77 19.61 -19.59
N THR A 200 24.50 19.35 -18.51
CA THR A 200 24.04 18.52 -17.41
C THR A 200 23.27 19.40 -16.42
N LEU A 201 22.02 19.04 -16.15
CA LEU A 201 21.24 19.77 -15.15
C LEU A 201 21.17 18.83 -13.94
N ARG A 202 21.55 19.27 -12.76
CA ARG A 202 21.51 18.32 -11.67
C ARG A 202 20.70 18.92 -10.53
N CYS A 203 19.74 18.15 -10.02
CA CYS A 203 18.83 18.59 -8.92
C CYS A 203 19.34 18.05 -7.60
N TRP A 204 19.59 18.93 -6.62
CA TRP A 204 20.30 18.48 -5.41
C TRP A 204 19.41 18.64 -4.22
N ALA A 205 19.46 17.69 -3.26
CA ALA A 205 18.88 17.87 -1.97
C ALA A 205 19.93 17.50 -0.90
N LEU A 206 20.12 18.44 0.02
CA LEU A 206 21.16 18.33 1.06
C LEU A 206 20.60 18.47 2.47
N SER A 207 21.26 17.79 3.39
CA SER A 207 21.08 18.02 4.83
C SER A 207 19.70 17.63 5.32
N PHE A 208 19.12 16.61 4.73
CA PHE A 208 17.71 16.22 5.15
C PHE A 208 17.60 14.98 6.04
N TYR A 209 16.56 14.91 6.87
CA TYR A 209 16.26 13.67 7.65
C TYR A 209 14.75 13.67 7.85
N PRO A 210 14.04 12.51 7.73
CA PRO A 210 14.63 11.16 7.46
C PRO A 210 15.09 10.95 6.03
N ALA A 211 15.51 9.74 5.65
CA ALA A 211 16.24 9.58 4.38
C ALA A 211 15.24 9.52 3.24
N GLU A 212 14.00 9.14 3.54
CA GLU A 212 13.06 8.97 2.42
C GLU A 212 12.88 10.33 1.70
N ILE A 213 12.85 10.35 0.35
CA ILE A 213 12.74 11.60 -0.40
C ILE A 213 12.46 11.21 -1.84
N THR A 214 11.70 12.03 -2.58
CA THR A 214 11.58 11.80 -4.02
C THR A 214 12.10 13.01 -4.79
N LEU A 215 12.85 12.77 -5.87
CA LEU A 215 13.40 13.86 -6.65
C LEU A 215 13.04 13.46 -8.08
N THR A 216 12.43 14.35 -8.85
CA THR A 216 12.10 13.96 -10.24
C THR A 216 12.26 15.16 -11.19
N TRP A 217 12.55 14.88 -12.46
CA TRP A 217 12.67 15.90 -13.49
C TRP A 217 11.47 15.81 -14.39
N GLN A 218 10.93 16.98 -14.76
CA GLN A 218 9.87 17.02 -15.74
C GLN A 218 10.35 17.86 -16.92
N ARG A 219 9.86 17.57 -18.13
CA ARG A 219 10.12 18.41 -19.31
C ARG A 219 8.78 18.86 -19.82
N ASP A 220 8.54 20.18 -19.85
CA ASP A 220 7.16 20.70 -20.09
C ASP A 220 6.10 19.96 -19.30
N GLY A 221 6.42 19.63 -18.06
CA GLY A 221 5.46 18.94 -17.25
C GLY A 221 5.40 17.41 -17.35
N GLU A 222 6.23 16.77 -18.18
CA GLU A 222 6.17 15.31 -18.22
C GLU A 222 7.40 14.68 -17.70
N ASP A 223 7.19 13.58 -17.01
CA ASP A 223 8.30 12.99 -16.28
C ASP A 223 9.33 12.47 -17.29
N GLN A 224 10.59 12.62 -16.89
CA GLN A 224 11.74 12.24 -17.68
C GLN A 224 12.41 11.06 -16.97
N THR A 225 11.60 10.16 -16.45
CA THR A 225 12.13 9.11 -15.63
C THR A 225 13.19 8.24 -16.32
N GLN A 226 12.96 7.80 -17.56
CA GLN A 226 13.99 7.02 -18.30
C GLN A 226 15.25 7.78 -18.71
N ASP A 227 15.22 9.11 -18.67
CA ASP A 227 16.41 9.90 -18.99
C ASP A 227 17.15 10.46 -17.77
N THR A 228 16.65 10.12 -16.61
CA THR A 228 17.22 10.66 -15.40
C THR A 228 18.23 9.70 -14.80
N GLU A 229 19.35 10.26 -14.30
CA GLU A 229 20.26 9.46 -13.45
C GLU A 229 19.96 9.81 -12.05
N LEU A 230 19.53 8.85 -11.26
CA LEU A 230 19.22 9.15 -9.87
C LEU A 230 20.16 8.39 -8.97
N VAL A 231 21.02 9.04 -8.17
CA VAL A 231 21.85 8.24 -7.24
C VAL A 231 21.19 7.73 -5.97
N GLU A 232 21.79 6.68 -5.38
CA GLU A 232 21.36 6.20 -4.08
C GLU A 232 21.50 7.31 -3.02
N THR A 233 20.45 7.47 -2.22
CA THR A 233 20.51 8.40 -1.06
C THR A 233 21.66 8.02 -0.15
N ARG A 234 22.48 9.02 0.22
CA ARG A 234 23.78 8.77 0.81
C ARG A 234 23.89 9.55 2.15
N PRO A 235 24.54 8.98 3.15
CA PRO A 235 24.74 9.69 4.41
C PRO A 235 25.78 10.80 4.28
N ALA A 236 25.51 11.96 4.87
CA ALA A 236 26.51 13.03 4.97
C ALA A 236 27.58 12.71 6.04
N GLY A 237 27.23 11.87 7.00
CA GLY A 237 28.12 11.52 8.11
C GLY A 237 27.71 12.16 9.44
N ASP A 238 26.80 13.13 9.38
CA ASP A 238 26.46 13.91 10.56
C ASP A 238 25.00 13.61 11.00
N GLY A 239 24.40 12.59 10.41
CA GLY A 239 23.01 12.27 10.72
C GLY A 239 22.02 12.69 9.64
N THR A 240 22.44 13.46 8.67
CA THR A 240 21.56 13.79 7.54
C THR A 240 21.98 13.08 6.25
N PHE A 241 21.17 13.24 5.21
CA PHE A 241 21.30 12.48 3.94
C PHE A 241 21.37 13.49 2.79
N GLN A 242 21.80 13.02 1.62
CA GLN A 242 22.00 13.83 0.43
C GLN A 242 21.47 13.00 -0.71
N LYS A 243 20.99 13.60 -1.76
CA LYS A 243 20.62 12.82 -2.96
C LYS A 243 20.66 13.75 -4.18
N TRP A 244 20.93 13.24 -5.39
CA TRP A 244 20.80 14.10 -6.57
C TRP A 244 20.24 13.34 -7.74
N ALA A 245 19.73 14.10 -8.73
CA ALA A 245 19.22 13.49 -9.94
C ALA A 245 19.67 14.39 -11.05
N ALA A 246 20.03 13.82 -12.15
CA ALA A 246 20.54 14.62 -13.26
C ALA A 246 19.95 14.21 -14.61
N VAL A 247 19.85 15.23 -15.48
CA VAL A 247 19.50 14.98 -16.90
C VAL A 247 20.49 15.74 -17.82
N VAL A 248 20.71 15.23 -19.04
CA VAL A 248 21.54 15.92 -20.02
C VAL A 248 20.62 16.43 -21.11
N VAL A 249 20.72 17.74 -21.35
CA VAL A 249 19.69 18.43 -22.06
C VAL A 249 20.32 19.19 -23.20
N PRO A 250 19.61 19.41 -24.31
CA PRO A 250 20.14 20.33 -25.33
C PRO A 250 20.17 21.77 -24.77
N SER A 251 21.27 22.46 -25.02
CA SER A 251 21.46 23.85 -24.58
C SER A 251 20.43 24.72 -25.21
N GLY A 252 19.79 25.58 -24.42
CA GLY A 252 18.69 26.35 -24.98
C GLY A 252 17.36 25.88 -24.41
N GLN A 253 17.30 24.62 -23.94
CA GLN A 253 16.00 24.08 -23.52
C GLN A 253 15.87 23.98 -22.01
N GLU A 254 16.82 24.56 -21.29
CA GLU A 254 16.82 24.52 -19.81
C GLU A 254 15.48 24.90 -19.18
N GLN A 255 14.84 25.94 -19.74
CA GLN A 255 13.65 26.52 -19.17
C GLN A 255 12.43 25.58 -19.37
N ARG A 256 12.56 24.54 -20.23
CA ARG A 256 11.51 23.48 -20.26
C ARG A 256 11.61 22.50 -19.09
N TYR A 257 12.69 22.50 -18.32
CA TYR A 257 12.96 21.41 -17.39
C TYR A 257 12.75 21.86 -15.96
N THR A 258 12.01 21.10 -15.18
CA THR A 258 11.87 21.48 -13.73
C THR A 258 12.20 20.31 -12.85
N CYS A 259 12.73 20.57 -11.64
CA CYS A 259 13.00 19.52 -10.70
C CYS A 259 11.98 19.61 -9.55
N HIS A 260 11.47 18.45 -9.11
CA HIS A 260 10.42 18.38 -8.13
C HIS A 260 10.89 17.54 -6.89
N VAL A 261 10.75 18.09 -5.69
CA VAL A 261 11.31 17.50 -4.48
C VAL A 261 10.18 17.31 -3.47
N GLN A 262 10.03 16.09 -2.96
CA GLN A 262 8.94 15.79 -2.01
C GLN A 262 9.66 15.29 -0.77
N HIS A 263 9.34 15.81 0.41
CA HIS A 263 10.02 15.28 1.60
C HIS A 263 9.10 15.64 2.72
N GLU A 264 9.10 14.85 3.81
CA GLU A 264 8.17 15.09 4.87
C GLU A 264 8.33 16.34 5.70
N GLY A 265 9.53 16.92 5.68
CA GLY A 265 9.79 18.20 6.29
C GLY A 265 9.52 19.45 5.49
N LEU A 266 9.15 19.30 4.23
CA LEU A 266 8.61 20.39 3.43
C LEU A 266 7.12 20.65 3.71
N PRO A 267 6.78 21.90 3.98
CA PRO A 267 5.38 22.32 4.10
C PRO A 267 4.56 22.03 2.79
N LYS A 268 5.23 22.23 1.65
CA LYS A 268 4.75 21.91 0.32
C LYS A 268 5.92 21.26 -0.51
N PRO A 269 5.62 20.34 -1.40
CA PRO A 269 6.61 19.87 -2.36
C PRO A 269 7.20 21.00 -3.23
N LEU A 270 8.50 21.05 -3.50
CA LEU A 270 9.01 22.22 -4.18
C LEU A 270 9.19 21.92 -5.62
N THR A 271 8.97 22.96 -6.42
CA THR A 271 9.33 22.92 -7.80
C THR A 271 10.50 23.90 -8.06
N LEU A 272 11.62 23.38 -8.53
CA LEU A 272 12.77 24.27 -8.85
C LEU A 272 12.79 24.51 -10.38
N ARG A 273 13.07 25.73 -10.81
CA ARG A 273 12.94 26.12 -12.25
C ARG A 273 14.16 26.87 -12.67
N TRP A 274 14.38 26.98 -13.99
CA TRP A 274 15.57 27.63 -14.60
C TRP A 274 15.24 29.05 -15.11
N GLU A 275 14.15 29.56 -14.57
CA GLU A 275 13.64 30.92 -14.85
C GLU A 275 12.70 31.31 -13.71
N MET B 1 26.11 -18.03 -8.12
CA MET B 1 25.81 -17.27 -6.90
C MET B 1 25.53 -15.82 -7.34
N ILE B 2 24.60 -15.17 -6.66
CA ILE B 2 24.30 -13.77 -6.86
C ILE B 2 25.53 -12.96 -6.63
N GLN B 3 25.76 -12.00 -7.53
CA GLN B 3 26.77 -10.99 -7.28
C GLN B 3 26.14 -9.66 -7.74
N ARG B 4 26.36 -8.59 -6.97
CA ARG B 4 25.88 -7.26 -7.30
C ARG B 4 27.00 -6.25 -7.15
N THR B 5 27.14 -5.40 -8.15
CA THR B 5 28.23 -4.48 -8.18
C THR B 5 28.00 -3.24 -7.26
N PRO B 6 29.05 -2.79 -6.54
CA PRO B 6 28.97 -1.57 -5.73
C PRO B 6 28.78 -0.30 -6.60
N LYS B 7 27.84 0.51 -6.17
CA LYS B 7 27.64 1.86 -6.70
C LYS B 7 28.44 2.75 -5.81
N ILE B 8 29.38 3.54 -6.35
CA ILE B 8 30.40 4.13 -5.53
C ILE B 8 30.17 5.60 -5.68
N GLN B 9 30.07 6.29 -4.57
CA GLN B 9 29.96 7.75 -4.63
C GLN B 9 31.03 8.40 -3.76
N VAL B 10 31.70 9.42 -4.29
CA VAL B 10 32.73 10.14 -3.50
C VAL B 10 32.42 11.59 -3.37
N TYR B 11 32.37 12.08 -2.13
CA TYR B 11 31.81 13.40 -1.94
C TYR B 11 32.19 13.97 -0.56
N SER B 12 32.03 15.28 -0.37
CA SER B 12 32.32 15.91 0.93
C SER B 12 31.05 16.05 1.75
N ARG B 13 31.16 15.99 3.08
CA ARG B 13 29.99 16.18 3.95
C ARG B 13 29.25 17.51 3.76
N HIS B 14 30.05 18.59 3.77
CA HIS B 14 29.64 19.97 3.51
C HIS B 14 30.21 20.47 2.19
N PRO B 15 29.63 21.54 1.60
CA PRO B 15 30.20 22.16 0.41
C PRO B 15 31.61 22.52 0.70
N ALA B 16 32.48 22.07 -0.20
CA ALA B 16 33.90 22.25 -0.01
C ALA B 16 34.35 23.69 -0.18
N GLU B 17 35.33 24.08 0.63
CA GLU B 17 35.86 25.43 0.65
C GLU B 17 37.32 25.27 1.01
N ASN B 18 38.23 25.72 0.13
CA ASN B 18 39.67 25.58 0.34
C ASN B 18 40.05 26.23 1.67
N GLY B 19 40.61 25.42 2.57
CA GLY B 19 41.21 25.90 3.80
C GLY B 19 40.33 25.59 5.00
N LYS B 20 39.14 25.04 4.72
CA LYS B 20 38.16 24.70 5.75
C LYS B 20 38.02 23.21 5.94
N SER B 21 38.17 22.82 7.18
CA SER B 21 38.03 21.38 7.52
C SER B 21 36.63 20.85 7.21
N ASN B 22 36.55 19.59 6.78
CA ASN B 22 35.37 18.99 6.19
C ASN B 22 35.58 17.48 6.39
N PHE B 23 34.72 16.63 5.82
CA PHE B 23 34.90 15.20 5.80
C PHE B 23 34.79 14.70 4.38
N LEU B 24 35.63 13.76 4.00
CA LEU B 24 35.54 13.20 2.67
C LEU B 24 34.95 11.82 2.84
N ASN B 25 33.89 11.54 2.08
CA ASN B 25 33.15 10.28 2.16
C ASN B 25 33.29 9.47 0.93
N CYS B 26 33.44 8.17 1.12
CA CYS B 26 33.23 7.21 0.03
C CYS B 26 32.08 6.27 0.42
N TYR B 27 30.95 6.38 -0.28
CA TYR B 27 29.80 5.57 0.11
C TYR B 27 29.65 4.49 -0.93
N VAL B 28 29.64 3.24 -0.48
CA VAL B 28 29.52 2.17 -1.44
C VAL B 28 28.23 1.39 -1.12
N SER B 29 27.38 1.16 -2.10
CA SER B 29 26.06 0.59 -1.81
C SER B 29 25.62 -0.39 -2.90
N GLY B 30 24.64 -1.22 -2.56
CA GLY B 30 24.10 -2.11 -3.58
C GLY B 30 24.97 -3.33 -3.93
N PHE B 31 25.88 -3.70 -3.05
CA PHE B 31 26.79 -4.77 -3.45
C PHE B 31 26.49 -6.12 -2.80
N HIS B 32 27.01 -7.19 -3.42
CA HIS B 32 26.87 -8.54 -2.81
C HIS B 32 27.92 -9.38 -3.53
N PRO B 33 28.71 -10.17 -2.82
CA PRO B 33 28.70 -10.40 -1.34
C PRO B 33 29.35 -9.29 -0.59
N SER B 34 29.54 -9.45 0.72
CA SER B 34 29.96 -8.33 1.53
C SER B 34 31.45 -8.02 1.52
N ASP B 35 32.27 -8.98 1.10
CA ASP B 35 33.71 -8.73 1.00
C ASP B 35 33.99 -7.66 -0.01
N ILE B 36 34.64 -6.58 0.44
CA ILE B 36 34.93 -5.39 -0.38
C ILE B 36 36.20 -4.69 0.18
N GLU B 37 36.99 -4.10 -0.73
CA GLU B 37 38.13 -3.31 -0.34
C GLU B 37 37.92 -1.87 -0.75
N VAL B 38 38.03 -0.95 0.19
CA VAL B 38 37.76 0.41 -0.16
C VAL B 38 38.91 1.23 0.38
N ASP B 39 39.45 2.15 -0.43
CA ASP B 39 40.42 3.08 0.11
C ASP B 39 40.17 4.49 -0.38
N LEU B 40 40.42 5.45 0.49
CA LEU B 40 40.40 6.86 0.12
C LEU B 40 41.81 7.19 -0.28
N LEU B 41 41.93 7.89 -1.41
CA LEU B 41 43.27 8.27 -1.92
C LEU B 41 43.47 9.78 -1.91
N LYS B 42 44.68 10.19 -1.57
CA LYS B 42 45.07 11.59 -1.72
C LYS B 42 46.28 11.67 -2.62
N ASN B 43 46.13 12.40 -3.72
CA ASN B 43 47.09 12.46 -4.81
C ASN B 43 47.61 11.11 -5.22
N GLY B 44 46.71 10.13 -5.26
CA GLY B 44 47.01 8.76 -5.64
C GLY B 44 47.47 7.85 -4.52
N GLU B 45 47.73 8.39 -3.33
CA GLU B 45 48.25 7.55 -2.24
C GLU B 45 47.18 7.20 -1.19
N ARG B 46 47.23 6.00 -0.60
CA ARG B 46 46.23 5.60 0.36
C ARG B 46 46.23 6.50 1.60
N ILE B 47 45.04 6.97 2.02
CA ILE B 47 44.95 7.70 3.28
C ILE B 47 44.83 6.72 4.44
N GLU B 48 45.61 6.94 5.50
CA GLU B 48 45.74 5.92 6.54
C GLU B 48 44.72 6.05 7.68
N LYS B 49 44.30 7.25 8.03
CA LYS B 49 43.29 7.28 9.09
C LYS B 49 41.90 7.33 8.53
N VAL B 50 41.41 6.19 8.06
CA VAL B 50 40.09 6.17 7.41
C VAL B 50 39.17 5.30 8.26
N GLU B 51 38.01 5.79 8.63
CA GLU B 51 37.09 5.00 9.43
C GLU B 51 35.94 4.54 8.59
N HIS B 52 35.17 3.57 9.06
CA HIS B 52 34.05 3.14 8.29
C HIS B 52 32.90 2.70 9.19
N SER B 53 31.70 2.64 8.60
CA SER B 53 30.45 2.36 9.34
C SER B 53 30.36 0.88 9.52
N ASP B 54 29.44 0.45 10.33
CA ASP B 54 29.28 -0.99 10.53
C ASP B 54 28.42 -1.51 9.35
N LEU B 55 28.72 -2.73 8.91
CA LEU B 55 28.06 -3.35 7.77
C LEU B 55 26.57 -3.51 8.02
N SER B 56 25.79 -3.01 7.06
CA SER B 56 24.35 -3.05 7.11
C SER B 56 23.87 -3.35 5.68
N PHE B 57 22.58 -3.51 5.54
CA PHE B 57 22.01 -3.88 4.23
C PHE B 57 20.59 -3.39 4.02
N SER B 58 20.20 -3.33 2.78
CA SER B 58 18.97 -2.69 2.39
C SER B 58 17.87 -3.71 2.26
N LYS B 59 16.66 -3.19 2.01
CA LYS B 59 15.47 -4.02 1.77
C LYS B 59 15.68 -5.18 0.81
N ASP B 60 16.55 -5.01 -0.17
CA ASP B 60 16.78 -6.06 -1.17
C ASP B 60 17.97 -6.98 -0.89
N TRP B 61 18.46 -6.87 0.36
CA TRP B 61 19.60 -7.60 0.92
C TRP B 61 20.96 -7.11 0.53
N SER B 62 21.05 -6.14 -0.40
CA SER B 62 22.38 -5.70 -0.77
C SER B 62 23.00 -4.80 0.31
N PHE B 63 24.33 -4.78 0.37
CA PHE B 63 25.11 -4.25 1.53
C PHE B 63 25.44 -2.80 1.26
N TYR B 64 25.66 -2.02 2.31
CA TYR B 64 26.21 -0.66 2.14
C TYR B 64 27.18 -0.34 3.26
N LEU B 65 28.22 0.42 2.93
CA LEU B 65 29.23 0.91 3.88
C LEU B 65 29.58 2.37 3.53
N LEU B 66 29.87 3.17 4.57
CA LEU B 66 30.39 4.55 4.41
C LEU B 66 31.86 4.53 4.95
N TYR B 67 32.84 5.02 4.16
CA TYR B 67 34.23 5.19 4.55
C TYR B 67 34.44 6.67 4.63
N TYR B 68 35.23 7.18 5.58
CA TYR B 68 35.28 8.64 5.71
C TYR B 68 36.52 9.09 6.46
N THR B 69 36.98 10.31 6.19
CA THR B 69 38.09 10.86 6.94
C THR B 69 37.94 12.34 6.98
N GLU B 70 38.39 12.94 8.06
CA GLU B 70 38.50 14.39 8.12
C GLU B 70 39.54 14.87 7.10
N PHE B 71 39.27 15.99 6.40
CA PHE B 71 40.28 16.52 5.48
C PHE B 71 40.09 17.98 5.31
N THR B 72 41.11 18.68 4.83
CA THR B 72 40.96 20.10 4.49
C THR B 72 41.25 20.31 2.99
N PRO B 73 40.21 20.51 2.15
CA PRO B 73 40.37 20.75 0.71
C PRO B 73 41.34 21.86 0.33
N THR B 74 42.11 21.72 -0.75
CA THR B 74 43.00 22.80 -1.29
C THR B 74 42.82 22.77 -2.80
N GLU B 75 43.41 23.72 -3.51
CA GLU B 75 43.24 23.74 -4.97
C GLU B 75 44.04 22.66 -5.67
N LYS B 76 45.15 22.24 -5.07
CA LYS B 76 46.08 21.32 -5.71
C LYS B 76 45.80 19.84 -5.41
N ASP B 77 45.28 19.54 -4.23
CA ASP B 77 45.18 18.13 -3.81
C ASP B 77 44.01 17.47 -4.44
N GLU B 78 44.24 16.27 -4.93
CA GLU B 78 43.19 15.53 -5.55
C GLU B 78 42.80 14.28 -4.76
N TYR B 79 41.49 14.09 -4.65
CA TYR B 79 40.94 13.01 -3.88
C TYR B 79 40.16 11.98 -4.67
N ALA B 80 40.20 10.74 -4.19
CA ALA B 80 39.53 9.61 -4.88
C ALA B 80 39.26 8.45 -3.95
N CYS B 81 38.42 7.54 -4.41
CA CYS B 81 38.11 6.30 -3.71
C CYS B 81 38.43 5.18 -4.65
N ARG B 82 39.17 4.18 -4.16
CA ARG B 82 39.54 3.01 -4.93
C ARG B 82 38.78 1.85 -4.38
N VAL B 83 38.09 1.08 -5.22
CA VAL B 83 37.28 -0.03 -4.68
C VAL B 83 37.54 -1.31 -5.40
N ASN B 84 37.71 -2.40 -4.66
CA ASN B 84 37.80 -3.73 -5.31
C ASN B 84 36.76 -4.67 -4.74
N HIS B 85 36.23 -5.53 -5.63
CA HIS B 85 35.07 -6.33 -5.34
C HIS B 85 35.06 -7.41 -6.40
N VAL B 86 34.48 -8.57 -6.05
CA VAL B 86 34.47 -9.70 -7.00
C VAL B 86 33.83 -9.35 -8.33
N THR B 87 32.86 -8.42 -8.34
CA THR B 87 32.21 -7.95 -9.60
C THR B 87 33.11 -7.06 -10.48
N LEU B 88 34.15 -6.48 -9.88
CA LEU B 88 35.03 -5.59 -10.61
C LEU B 88 36.28 -6.32 -11.08
N SER B 89 36.49 -6.32 -12.39
CA SER B 89 37.55 -7.18 -12.91
C SER B 89 38.90 -6.49 -12.66
N GLN B 90 38.89 -5.18 -12.42
CA GLN B 90 40.04 -4.42 -11.96
C GLN B 90 39.57 -3.50 -10.85
N PRO B 91 40.42 -3.05 -9.92
CA PRO B 91 39.99 -1.98 -9.00
C PRO B 91 39.54 -0.73 -9.75
N LYS B 92 38.53 -0.09 -9.18
CA LYS B 92 37.84 0.97 -9.82
C LYS B 92 38.11 2.23 -8.98
N ILE B 93 38.50 3.30 -9.65
CA ILE B 93 38.82 4.57 -9.01
C ILE B 93 37.81 5.65 -9.43
N VAL B 94 37.12 6.24 -8.45
CA VAL B 94 36.19 7.32 -8.71
C VAL B 94 36.74 8.57 -8.10
N LYS B 95 36.93 9.58 -8.91
CA LYS B 95 37.53 10.85 -8.39
C LYS B 95 36.49 11.79 -7.80
N TRP B 96 36.89 12.49 -6.73
CA TRP B 96 36.09 13.53 -6.11
C TRP B 96 36.03 14.69 -7.07
N ASP B 97 34.81 15.15 -7.38
CA ASP B 97 34.64 16.21 -8.35
C ASP B 97 33.81 17.18 -7.52
N ARG B 98 34.39 18.32 -7.16
CA ARG B 98 33.74 19.19 -6.19
C ARG B 98 32.71 20.09 -6.83
N ASP B 99 32.66 20.03 -8.15
CA ASP B 99 31.83 20.95 -8.93
C ASP B 99 30.61 20.28 -9.55
N MET B 100 30.08 19.24 -8.90
CA MET B 100 28.82 18.66 -9.36
C MET B 100 27.59 19.45 -8.87
N ILE C 1 15.40 -3.28 21.98
CA ILE C 1 15.92 -4.63 22.33
C ILE C 1 15.55 -5.71 21.29
N MET C 2 16.53 -6.58 21.10
CA MET C 2 16.40 -7.73 20.26
C MET C 2 15.50 -8.76 20.82
N ASP C 3 15.12 -9.65 19.95
CA ASP C 3 14.33 -10.82 20.29
C ASP C 3 15.21 -11.82 20.99
N GLN C 4 14.62 -12.89 21.52
CA GLN C 4 15.47 -13.93 22.05
C GLN C 4 16.08 -14.78 20.93
N VAL C 5 16.87 -15.79 21.35
CA VAL C 5 17.64 -16.63 20.42
C VAL C 5 16.79 -17.15 19.33
N PRO C 6 17.16 -16.89 18.07
CA PRO C 6 16.38 -17.34 16.94
C PRO C 6 16.47 -18.91 16.80
N PHE C 7 15.44 -19.55 16.27
CA PHE C 7 15.42 -21.02 16.06
C PHE C 7 16.24 -21.28 14.85
N SER C 8 17.10 -22.30 14.88
CA SER C 8 17.88 -22.73 13.71
C SER C 8 17.06 -23.08 12.45
N VAL C 9 17.63 -22.72 11.29
CA VAL C 9 17.04 -23.15 10.02
C VAL C 9 17.01 -24.69 9.77
N GLY D 1 -5.33 -6.95 -4.13
CA GLY D 1 -4.56 -7.63 -3.03
C GLY D 1 -3.80 -6.68 -2.11
N SER D 2 -4.49 -5.62 -1.71
CA SER D 2 -3.92 -4.47 -0.97
C SER D 2 -5.03 -3.83 -0.12
N HIS D 3 -4.97 -2.52 0.23
CA HIS D 3 -6.13 -1.92 0.91
C HIS D 3 -6.55 -0.56 0.39
N SER D 4 -7.82 -0.22 0.57
CA SER D 4 -8.38 1.06 0.11
C SER D 4 -9.32 1.83 1.05
N MET D 5 -9.33 3.15 1.00
CA MET D 5 -10.39 3.92 1.61
C MET D 5 -11.10 4.75 0.50
N ARG D 6 -12.42 4.68 0.46
CA ARG D 6 -13.12 5.45 -0.54
C ARG D 6 -14.31 6.18 0.09
N TYR D 7 -14.59 7.40 -0.36
CA TYR D 7 -15.78 8.18 0.03
C TYR D 7 -16.60 8.41 -1.27
N PHE D 8 -17.92 8.24 -1.19
CA PHE D 8 -18.83 8.28 -2.32
C PHE D 8 -19.88 9.35 -1.96
N PHE D 9 -20.23 10.24 -2.90
CA PHE D 9 -21.16 11.34 -2.62
C PHE D 9 -22.16 11.45 -3.75
N THR D 10 -23.44 11.58 -3.46
CA THR D 10 -24.43 11.68 -4.50
C THR D 10 -25.31 12.92 -4.19
N SER D 11 -25.53 13.82 -5.16
CA SER D 11 -26.57 14.88 -4.99
C SER D 11 -27.53 14.83 -6.15
N VAL D 12 -28.85 14.89 -5.87
CA VAL D 12 -29.82 14.72 -6.91
C VAL D 12 -30.75 15.93 -6.73
N SER D 13 -30.89 16.74 -7.76
CA SER D 13 -31.86 17.83 -7.66
C SER D 13 -33.28 17.34 -7.80
N ARG D 14 -34.23 18.08 -7.22
CA ARG D 14 -35.63 17.75 -7.24
C ARG D 14 -36.40 19.08 -7.17
N PRO D 15 -36.46 19.76 -8.31
CA PRO D 15 -37.11 21.10 -8.44
C PRO D 15 -38.55 21.09 -7.98
N GLY D 16 -38.85 21.99 -7.04
CA GLY D 16 -40.13 22.04 -6.39
C GLY D 16 -40.34 21.06 -5.25
N ARG D 17 -39.34 20.32 -4.84
CA ARG D 17 -39.59 19.17 -3.97
C ARG D 17 -38.52 19.07 -2.89
N GLY D 18 -37.78 20.16 -2.75
CA GLY D 18 -36.93 20.43 -1.62
C GLY D 18 -35.59 20.77 -2.22
N GLU D 19 -34.64 21.14 -1.36
CA GLU D 19 -33.26 21.21 -1.77
C GLU D 19 -32.78 19.83 -2.21
N PRO D 20 -31.64 19.78 -2.92
CA PRO D 20 -31.09 18.54 -3.45
C PRO D 20 -30.89 17.45 -2.38
N ARG D 21 -31.27 16.22 -2.75
CA ARG D 21 -30.99 15.09 -1.88
C ARG D 21 -29.47 14.96 -1.86
N PHE D 22 -28.84 14.70 -0.70
CA PHE D 22 -27.40 14.49 -0.60
C PHE D 22 -27.16 13.27 0.28
N ILE D 23 -26.33 12.31 -0.23
CA ILE D 23 -26.00 11.11 0.57
C ILE D 23 -24.51 10.88 0.44
N ALA D 24 -23.79 10.66 1.57
CA ALA D 24 -22.39 10.36 1.52
C ALA D 24 -22.14 9.14 2.31
N VAL D 25 -21.21 8.35 1.80
CA VAL D 25 -20.81 7.14 2.45
C VAL D 25 -19.30 6.96 2.35
N GLY D 26 -18.72 6.33 3.38
CA GLY D 26 -17.28 5.98 3.37
C GLY D 26 -17.09 4.45 3.57
N TYR D 27 -16.10 3.87 2.88
CA TYR D 27 -15.82 2.45 2.94
C TYR D 27 -14.37 2.31 3.21
N VAL D 28 -13.98 1.30 4.02
CA VAL D 28 -12.61 0.81 3.95
C VAL D 28 -12.73 -0.57 3.27
N ASP D 29 -12.01 -0.77 2.13
CA ASP D 29 -12.19 -1.97 1.28
C ASP D 29 -13.71 -2.10 0.97
N ASP D 30 -14.28 -3.26 1.28
CA ASP D 30 -15.73 -3.52 1.04
C ASP D 30 -16.59 -3.40 2.29
N THR D 31 -16.10 -2.68 3.28
CA THR D 31 -16.82 -2.52 4.54
C THR D 31 -17.21 -1.04 4.76
N GLN D 32 -18.52 -0.74 4.85
CA GLN D 32 -18.95 0.66 5.04
C GLN D 32 -18.69 1.11 6.51
N PHE D 33 -18.22 2.34 6.79
CA PHE D 33 -18.03 2.76 8.17
C PHE D 33 -18.73 4.06 8.55
N VAL D 34 -19.10 4.89 7.59
CA VAL D 34 -19.77 6.12 7.93
C VAL D 34 -20.87 6.41 6.89
N ARG D 35 -21.88 7.17 7.31
CA ARG D 35 -22.84 7.74 6.37
C ARG D 35 -23.33 9.10 6.79
N PHE D 36 -23.81 9.87 5.80
CA PHE D 36 -24.63 11.04 6.03
C PHE D 36 -25.76 11.00 5.02
N ASP D 37 -26.96 11.30 5.48
CA ASP D 37 -28.09 11.47 4.58
C ASP D 37 -28.81 12.74 4.95
N SER D 38 -28.90 13.65 3.96
CA SER D 38 -29.61 14.95 4.07
C SER D 38 -31.08 14.96 4.48
N ASP D 39 -31.79 13.90 4.16
CA ASP D 39 -33.17 13.81 4.58
C ASP D 39 -33.37 13.14 5.94
N ALA D 40 -32.30 12.67 6.56
CA ALA D 40 -32.49 12.02 7.88
C ALA D 40 -32.57 13.03 9.01
N ALA D 41 -33.14 12.56 10.11
CA ALA D 41 -33.39 13.41 11.25
C ALA D 41 -32.12 13.95 11.94
N SER D 42 -31.05 13.16 11.96
CA SER D 42 -29.97 13.50 12.86
C SER D 42 -29.19 14.72 12.40
N GLN D 43 -29.11 14.90 11.09
CA GLN D 43 -28.19 15.88 10.45
C GLN D 43 -26.72 15.74 10.95
N ARG D 44 -26.30 14.49 11.19
CA ARG D 44 -24.95 14.22 11.61
C ARG D 44 -24.37 13.13 10.73
N MET D 45 -23.05 13.17 10.55
CA MET D 45 -22.30 12.01 10.09
C MET D 45 -22.44 10.92 11.17
N GLU D 46 -22.72 9.68 10.78
CA GLU D 46 -23.08 8.63 11.74
C GLU D 46 -22.21 7.42 11.49
N PRO D 47 -21.89 6.67 12.53
CA PRO D 47 -21.12 5.44 12.43
C PRO D 47 -21.88 4.29 11.80
N ARG D 48 -21.21 3.48 10.98
CA ARG D 48 -21.87 2.33 10.37
C ARG D 48 -21.03 1.06 10.51
N ALA D 49 -20.02 1.13 11.36
CA ALA D 49 -19.14 -0.03 11.63
C ALA D 49 -18.88 0.05 13.08
N PRO D 50 -18.68 -1.06 13.80
CA PRO D 50 -18.42 -0.98 15.24
C PRO D 50 -17.10 -0.27 15.57
N TRP D 51 -16.13 -0.37 14.67
CA TRP D 51 -14.77 0.01 14.98
C TRP D 51 -14.53 1.51 14.82
N ILE D 52 -15.52 2.21 14.26
CA ILE D 52 -15.41 3.67 14.11
C ILE D 52 -16.13 4.38 15.28
N GLU D 53 -16.95 3.61 15.99
CA GLU D 53 -17.68 4.15 17.15
C GLU D 53 -16.79 4.71 18.25
N GLN D 54 -15.53 4.26 18.33
CA GLN D 54 -14.58 4.77 19.33
C GLN D 54 -14.00 6.16 19.08
N GLU D 55 -14.22 6.70 17.90
CA GLU D 55 -13.77 8.06 17.56
C GLU D 55 -14.51 9.07 18.43
N GLY D 56 -13.83 10.11 18.85
CA GLY D 56 -14.38 10.96 19.88
C GLY D 56 -15.24 12.08 19.30
N PRO D 57 -15.71 12.99 20.13
CA PRO D 57 -16.61 14.05 19.66
C PRO D 57 -16.05 14.98 18.62
N GLU D 58 -14.74 15.26 18.64
CA GLU D 58 -14.09 16.09 17.62
C GLU D 58 -14.17 15.47 16.24
N TYR D 59 -14.12 14.13 16.20
CA TYR D 59 -14.16 13.40 14.96
C TYR D 59 -15.53 13.61 14.38
N TRP D 60 -16.54 13.28 15.17
CA TRP D 60 -17.91 13.37 14.68
C TRP D 60 -18.31 14.82 14.32
N ASP D 61 -17.90 15.80 15.15
CA ASP D 61 -18.27 17.18 14.89
C ASP D 61 -17.60 17.64 13.59
N GLY D 62 -16.36 17.22 13.40
CA GLY D 62 -15.51 17.66 12.33
C GLY D 62 -16.02 17.04 11.02
N GLU D 63 -16.35 15.75 11.05
CA GLU D 63 -16.87 15.09 9.84
C GLU D 63 -18.29 15.58 9.44
N THR D 64 -19.10 15.96 10.41
CA THR D 64 -20.42 16.54 10.12
C THR D 64 -20.29 17.90 9.43
N ARG D 65 -19.36 18.73 9.93
CA ARG D 65 -19.09 20.06 9.30
C ARG D 65 -18.57 19.87 7.88
N LYS D 66 -17.60 18.96 7.70
CA LYS D 66 -17.02 18.77 6.35
C LYS D 66 -18.03 18.18 5.37
N VAL D 67 -18.88 17.26 5.87
CA VAL D 67 -19.84 16.62 4.93
C VAL D 67 -20.93 17.57 4.51
N LYS D 68 -21.36 18.43 5.44
CA LYS D 68 -22.36 19.50 5.16
C LYS D 68 -21.76 20.49 4.16
N ALA D 69 -20.47 20.72 4.31
CA ALA D 69 -19.78 21.60 3.36
C ALA D 69 -19.63 21.00 1.97
N HIS D 70 -19.41 19.70 1.90
CA HIS D 70 -19.50 18.96 0.60
C HIS D 70 -20.86 19.11 -0.04
N SER D 71 -21.92 18.90 0.73
CA SER D 71 -23.30 19.05 0.26
C SER D 71 -23.56 20.44 -0.35
N GLN D 72 -23.09 21.48 0.34
CA GLN D 72 -23.22 22.84 -0.13
C GLN D 72 -22.53 23.05 -1.50
N THR D 73 -21.30 22.60 -1.67
CA THR D 73 -20.65 22.68 -2.96
C THR D 73 -21.46 22.01 -4.04
N HIS D 74 -22.01 20.84 -3.73
CA HIS D 74 -22.78 20.12 -4.78
C HIS D 74 -24.05 20.88 -5.14
N ARG D 75 -24.64 21.61 -4.18
CA ARG D 75 -25.80 22.45 -4.45
C ARG D 75 -25.44 23.55 -5.41
N VAL D 76 -24.33 24.18 -5.16
CA VAL D 76 -23.82 25.16 -6.14
C VAL D 76 -23.58 24.52 -7.53
N ASP D 77 -22.86 23.40 -7.52
CA ASP D 77 -22.51 22.65 -8.73
C ASP D 77 -23.72 22.32 -9.62
N LEU D 78 -24.83 21.88 -9.01
CA LEU D 78 -26.04 21.54 -9.80
C LEU D 78 -26.48 22.74 -10.60
N GLY D 79 -26.36 23.93 -10.00
CA GLY D 79 -26.76 25.19 -10.62
C GLY D 79 -25.75 25.57 -11.72
N THR D 80 -24.47 25.35 -11.44
CA THR D 80 -23.40 25.63 -12.42
C THR D 80 -23.52 24.75 -13.62
N LEU D 81 -23.78 23.47 -13.40
CA LEU D 81 -23.87 22.52 -14.53
C LEU D 81 -25.06 22.72 -15.40
N ARG D 82 -26.22 23.10 -14.83
CA ARG D 82 -27.37 23.49 -15.64
C ARG D 82 -27.01 24.59 -16.59
N GLY D 83 -26.24 25.58 -16.09
CA GLY D 83 -25.73 26.70 -16.88
C GLY D 83 -24.78 26.23 -17.96
N TYR D 84 -23.87 25.31 -17.61
CA TYR D 84 -22.87 24.85 -18.61
C TYR D 84 -23.55 24.07 -19.73
N TYR D 85 -24.58 23.32 -19.38
CA TYR D 85 -25.25 22.51 -20.37
C TYR D 85 -26.52 23.10 -20.97
N ASN D 86 -26.89 24.36 -20.62
CA ASN D 86 -28.14 25.03 -21.05
C ASN D 86 -29.41 24.22 -20.80
N GLN D 87 -29.48 23.66 -19.61
CA GLN D 87 -30.59 22.80 -19.21
C GLN D 87 -31.65 23.56 -18.41
N SER D 88 -32.87 23.06 -18.46
CA SER D 88 -33.96 23.84 -17.92
C SER D 88 -34.11 23.60 -16.43
N GLU D 89 -34.95 24.39 -15.78
CA GLU D 89 -35.01 24.37 -14.33
C GLU D 89 -35.83 23.19 -13.82
N ALA D 90 -36.69 22.64 -14.67
CA ALA D 90 -37.65 21.60 -14.30
C ALA D 90 -37.04 20.18 -14.03
N GLY D 91 -35.99 19.81 -14.77
CA GLY D 91 -35.49 18.45 -14.65
C GLY D 91 -34.66 18.14 -13.45
N SER D 92 -34.72 16.87 -13.05
CA SER D 92 -33.86 16.34 -12.02
C SER D 92 -32.50 15.94 -12.60
N HIS D 93 -31.44 16.38 -11.94
CA HIS D 93 -30.09 16.04 -12.34
C HIS D 93 -29.25 15.47 -11.22
N THR D 94 -28.14 14.79 -11.55
CA THR D 94 -27.40 13.97 -10.57
C THR D 94 -25.95 14.32 -10.64
N VAL D 95 -25.30 14.66 -9.51
CA VAL D 95 -23.83 14.77 -9.44
C VAL D 95 -23.29 13.67 -8.49
N GLN D 96 -22.24 13.01 -8.92
CA GLN D 96 -21.56 12.03 -8.08
C GLN D 96 -20.07 12.34 -8.04
N ARG D 97 -19.44 12.09 -6.89
CA ARG D 97 -18.02 12.29 -6.68
C ARG D 97 -17.52 11.08 -5.87
N MET D 98 -16.30 10.60 -6.16
CA MET D 98 -15.72 9.47 -5.45
C MET D 98 -14.29 9.84 -5.36
N TYR D 99 -13.73 9.67 -4.16
CA TYR D 99 -12.27 9.85 -4.03
C TYR D 99 -11.69 8.93 -2.98
N GLY D 100 -10.42 8.66 -3.13
CA GLY D 100 -9.73 7.99 -2.05
C GLY D 100 -8.38 7.46 -2.42
N CYS D 101 -7.84 6.55 -1.61
CA CYS D 101 -6.47 6.07 -1.77
C CYS D 101 -6.40 4.59 -1.66
N ASP D 102 -5.40 4.00 -2.33
CA ASP D 102 -5.05 2.61 -2.20
C ASP D 102 -3.64 2.56 -1.59
N VAL D 103 -3.42 1.59 -0.72
CA VAL D 103 -2.07 1.34 -0.22
C VAL D 103 -1.63 -0.06 -0.54
N GLY D 104 -0.31 -0.28 -0.48
CA GLY D 104 0.25 -1.59 -0.74
C GLY D 104 0.31 -2.55 0.44
N SER D 105 1.12 -3.59 0.25
CA SER D 105 1.36 -4.59 1.28
C SER D 105 2.26 -3.96 2.31
N ASP D 106 3.10 -3.00 1.89
CA ASP D 106 3.97 -2.28 2.83
C ASP D 106 3.19 -1.17 3.57
N TRP D 107 1.88 -1.12 3.32
CA TRP D 107 0.93 -0.07 3.70
C TRP D 107 1.39 1.33 3.32
N ARG D 108 2.05 1.41 2.17
CA ARG D 108 2.54 2.66 1.67
C ARG D 108 1.64 2.96 0.51
N PHE D 109 1.52 4.26 0.21
CA PHE D 109 0.71 4.74 -0.89
C PHE D 109 0.96 4.00 -2.20
N LEU D 110 -0.10 3.49 -2.77
CA LEU D 110 -0.03 2.92 -4.12
C LEU D 110 -0.59 3.87 -5.17
N ARG D 111 -1.80 4.38 -4.93
CA ARG D 111 -2.59 5.09 -5.95
C ARG D 111 -3.65 5.97 -5.25
N GLY D 112 -4.00 7.11 -5.84
CA GLY D 112 -5.10 7.90 -5.31
C GLY D 112 -6.03 8.31 -6.42
N TYR D 113 -7.26 8.66 -6.09
CA TYR D 113 -8.23 8.97 -7.18
C TYR D 113 -9.14 10.05 -6.74
N HIS D 114 -9.67 10.83 -7.69
CA HIS D 114 -10.71 11.73 -7.33
C HIS D 114 -11.46 12.00 -8.62
N GLN D 115 -12.72 11.55 -8.73
CA GLN D 115 -13.47 11.70 -9.97
C GLN D 115 -14.91 12.09 -9.76
N TYR D 116 -15.47 12.69 -10.82
CA TYR D 116 -16.79 13.33 -10.74
C TYR D 116 -17.58 12.98 -11.99
N ALA D 117 -18.91 12.82 -11.80
CA ALA D 117 -19.81 12.49 -12.91
C ALA D 117 -21.04 13.37 -12.83
N TYR D 118 -21.51 13.74 -14.00
CA TYR D 118 -22.81 14.45 -14.11
C TYR D 118 -23.79 13.65 -14.94
N ASP D 119 -25.02 13.43 -14.39
CA ASP D 119 -26.02 12.54 -14.99
C ASP D 119 -25.47 11.18 -15.46
N GLY D 120 -24.57 10.61 -14.62
CA GLY D 120 -24.16 9.24 -14.86
C GLY D 120 -23.00 9.02 -15.85
N LYS D 121 -22.49 10.14 -16.35
CA LYS D 121 -21.38 10.16 -17.34
C LYS D 121 -20.13 10.79 -16.69
N ASP D 122 -18.95 10.18 -16.91
CA ASP D 122 -17.68 10.82 -16.55
C ASP D 122 -17.68 12.30 -16.90
N TYR D 123 -17.31 13.16 -15.96
CA TYR D 123 -17.27 14.62 -16.16
C TYR D 123 -15.80 15.09 -16.04
N ILE D 124 -15.21 15.03 -14.85
CA ILE D 124 -13.79 15.32 -14.73
C ILE D 124 -13.16 14.33 -13.73
N ALA D 125 -11.92 13.90 -13.97
CA ALA D 125 -11.20 12.98 -13.08
C ALA D 125 -9.66 13.28 -12.99
N LEU D 126 -9.10 13.22 -11.77
CA LEU D 126 -7.65 13.37 -11.59
C LEU D 126 -6.97 12.21 -12.19
N LYS D 127 -5.85 12.47 -12.90
CA LYS D 127 -5.15 11.38 -13.56
C LYS D 127 -4.25 10.67 -12.52
N GLU D 128 -3.62 9.60 -12.96
CA GLU D 128 -2.85 8.74 -12.06
C GLU D 128 -1.65 9.50 -11.46
N ASP D 129 -1.16 10.49 -12.20
CA ASP D 129 0.00 11.28 -11.75
C ASP D 129 -0.30 12.28 -10.65
N LEU D 130 -1.60 12.48 -10.46
CA LEU D 130 -2.18 13.40 -9.46
C LEU D 130 -1.78 14.88 -9.69
N ARG D 131 -1.44 15.22 -10.92
CA ARG D 131 -1.20 16.63 -11.27
C ARG D 131 -1.93 17.07 -12.53
N SER D 132 -2.71 16.21 -13.14
CA SER D 132 -3.46 16.66 -14.35
C SER D 132 -4.81 16.07 -14.33
N TRP D 133 -5.70 16.58 -15.21
CA TRP D 133 -7.11 16.16 -15.29
C TRP D 133 -7.57 15.52 -16.62
N THR D 134 -8.47 14.58 -16.54
CA THR D 134 -9.16 14.09 -17.71
C THR D 134 -10.54 14.70 -17.70
N ALA D 135 -10.89 15.42 -18.78
CA ALA D 135 -12.14 16.15 -18.92
C ALA D 135 -12.59 15.88 -20.35
N ALA D 136 -13.61 15.06 -20.60
CA ALA D 136 -13.93 14.77 -22.02
C ALA D 136 -14.58 15.96 -22.61
N ASP D 137 -15.64 16.42 -21.96
CA ASP D 137 -16.43 17.29 -22.77
C ASP D 137 -16.05 18.74 -22.58
N MET D 138 -16.63 19.58 -23.41
CA MET D 138 -16.21 20.96 -23.38
C MET D 138 -16.57 21.64 -22.08
N ALA D 139 -17.72 21.26 -21.47
CA ALA D 139 -18.07 21.86 -20.17
C ALA D 139 -17.08 21.51 -19.07
N ALA D 140 -16.67 20.26 -19.03
CA ALA D 140 -15.57 19.85 -18.14
C ALA D 140 -14.24 20.51 -18.35
N GLN D 141 -13.95 21.00 -19.57
CA GLN D 141 -12.74 21.71 -19.84
C GLN D 141 -12.82 23.12 -19.19
N THR D 142 -14.02 23.70 -19.11
CA THR D 142 -14.21 24.93 -18.35
C THR D 142 -13.82 24.70 -16.90
N THR D 143 -14.33 23.60 -16.34
CA THR D 143 -14.01 23.29 -14.92
C THR D 143 -12.52 23.06 -14.82
N LYS D 144 -11.98 22.34 -15.79
CA LYS D 144 -10.53 22.07 -15.71
C LYS D 144 -9.70 23.39 -15.71
N HIS D 145 -10.11 24.42 -16.47
CA HIS D 145 -9.36 25.64 -16.55
C HIS D 145 -9.38 26.33 -15.18
N LYS D 146 -10.54 26.29 -14.57
CA LYS D 146 -10.73 26.94 -13.27
C LYS D 146 -9.97 26.22 -12.17
N TRP D 147 -9.92 24.91 -12.26
CA TRP D 147 -9.25 24.12 -11.23
C TRP D 147 -7.74 24.16 -11.41
N GLU D 148 -7.32 24.34 -12.67
CA GLU D 148 -5.89 24.49 -12.90
C GLU D 148 -5.44 25.84 -12.34
N ALA D 149 -6.21 26.91 -12.61
CA ALA D 149 -5.83 28.25 -12.09
C ALA D 149 -5.88 28.36 -10.55
N ALA D 150 -6.76 27.55 -9.93
CA ALA D 150 -6.91 27.49 -8.45
C ALA D 150 -5.99 26.46 -7.77
N HIS D 151 -5.15 25.79 -8.57
CA HIS D 151 -4.19 24.80 -8.08
C HIS D 151 -4.90 23.74 -7.27
N VAL D 152 -6.08 23.32 -7.78
CA VAL D 152 -6.85 22.27 -7.04
C VAL D 152 -6.12 20.96 -6.90
N ALA D 153 -5.42 20.58 -7.96
CA ALA D 153 -4.74 19.24 -7.94
C ALA D 153 -3.72 19.10 -6.84
N GLU D 154 -2.91 20.15 -6.63
CA GLU D 154 -1.89 20.07 -5.59
C GLU D 154 -2.45 19.80 -4.20
N GLN D 155 -3.60 20.39 -3.88
CA GLN D 155 -4.24 20.23 -2.58
C GLN D 155 -4.78 18.82 -2.41
N LEU D 156 -5.28 18.25 -3.51
CA LEU D 156 -5.91 16.93 -3.48
C LEU D 156 -4.82 15.89 -3.35
N ARG D 157 -3.70 16.14 -4.01
CA ARG D 157 -2.57 15.23 -3.87
C ARG D 157 -2.06 15.14 -2.45
N ALA D 158 -2.02 16.28 -1.74
CA ALA D 158 -1.57 16.31 -0.37
C ALA D 158 -2.47 15.49 0.57
N TYR D 159 -3.77 15.53 0.31
CA TYR D 159 -4.73 14.69 1.01
C TYR D 159 -4.54 13.22 0.63
N LEU D 160 -4.51 12.94 -0.65
CA LEU D 160 -4.51 11.55 -1.12
C LEU D 160 -3.29 10.77 -0.71
N GLU D 161 -2.14 11.41 -0.81
CA GLU D 161 -0.89 10.80 -0.40
C GLU D 161 -0.56 10.92 1.11
N GLY D 162 -1.24 11.81 1.83
CA GLY D 162 -0.97 12.07 3.23
C GLY D 162 -2.06 11.56 4.16
N THR D 163 -2.96 12.47 4.52
CA THR D 163 -4.07 12.26 5.42
C THR D 163 -4.85 10.99 5.10
N CYS D 164 -5.20 10.77 3.82
CA CYS D 164 -5.93 9.56 3.38
C CYS D 164 -5.25 8.26 3.84
N VAL D 165 -3.97 8.15 3.48
CA VAL D 165 -3.15 7.05 3.91
C VAL D 165 -3.07 6.96 5.46
N GLU D 166 -2.89 8.08 6.16
CA GLU D 166 -2.74 8.03 7.62
C GLU D 166 -3.97 7.51 8.34
N TRP D 167 -5.12 7.94 7.85
CA TRP D 167 -6.36 7.54 8.42
C TRP D 167 -6.71 6.10 7.98
N LEU D 168 -6.34 5.73 6.74
CA LEU D 168 -6.56 4.37 6.28
C LEU D 168 -5.84 3.38 7.21
N ARG D 169 -4.58 3.69 7.53
CA ARG D 169 -3.80 2.83 8.45
C ARG D 169 -4.42 2.76 9.82
N ARG D 170 -4.88 3.88 10.35
CA ARG D 170 -5.50 3.87 11.69
C ARG D 170 -6.79 3.02 11.73
N TYR D 171 -7.63 3.13 10.70
CA TYR D 171 -8.86 2.34 10.65
C TYR D 171 -8.50 0.84 10.48
N LEU D 172 -7.48 0.50 9.71
CA LEU D 172 -7.12 -0.92 9.54
C LEU D 172 -6.67 -1.56 10.86
N GLU D 173 -5.98 -0.77 11.68
CA GLU D 173 -5.66 -1.24 13.04
C GLU D 173 -6.83 -1.37 13.99
N ASN D 174 -7.62 -0.30 14.06
CA ASN D 174 -8.79 -0.26 14.92
C ASN D 174 -9.85 -1.30 14.58
N GLY D 175 -10.01 -1.55 13.30
CA GLY D 175 -10.95 -2.56 12.82
C GLY D 175 -10.27 -3.83 12.37
N LYS D 176 -9.17 -4.17 13.01
CA LYS D 176 -8.33 -5.35 12.66
C LYS D 176 -9.05 -6.64 12.40
N GLU D 177 -9.91 -7.02 13.34
CA GLU D 177 -10.65 -8.29 13.33
C GLU D 177 -11.52 -8.44 12.07
N THR D 178 -12.12 -7.33 11.69
CA THR D 178 -13.05 -7.19 10.58
C THR D 178 -12.38 -6.85 9.24
N LEU D 179 -11.44 -5.92 9.24
CA LEU D 179 -10.85 -5.51 7.98
C LEU D 179 -9.65 -6.32 7.52
N GLN D 180 -8.89 -6.88 8.47
CA GLN D 180 -7.66 -7.63 8.14
C GLN D 180 -8.00 -9.12 8.25
N ARG D 181 -8.94 -9.52 7.43
CA ARG D 181 -9.39 -10.86 7.49
C ARG D 181 -9.67 -11.26 6.05
N THR D 182 -9.72 -12.56 5.85
CA THR D 182 -10.10 -13.07 4.56
C THR D 182 -10.99 -14.26 4.87
N ASP D 183 -12.19 -14.27 4.31
CA ASP D 183 -13.06 -15.44 4.48
C ASP D 183 -13.14 -16.17 3.14
N ALA D 184 -12.59 -17.40 3.01
CA ALA D 184 -12.60 -18.09 1.70
C ALA D 184 -14.03 -18.50 1.35
N PRO D 185 -14.41 -18.54 0.09
CA PRO D 185 -15.76 -18.96 -0.29
C PRO D 185 -16.09 -20.40 0.04
N LYS D 186 -17.33 -20.66 0.42
CA LYS D 186 -17.76 -22.05 0.51
C LYS D 186 -18.44 -22.32 -0.82
N THR D 187 -17.98 -23.31 -1.54
CA THR D 187 -18.41 -23.49 -2.91
C THR D 187 -19.23 -24.74 -3.11
N HIS D 188 -20.08 -24.75 -4.11
CA HIS D 188 -20.81 -25.94 -4.54
C HIS D 188 -21.45 -25.65 -5.88
N MET D 189 -21.93 -26.70 -6.50
CA MET D 189 -22.65 -26.49 -7.71
C MET D 189 -24.08 -27.14 -7.58
N THR D 190 -25.10 -26.61 -8.26
CA THR D 190 -26.38 -27.23 -8.19
C THR D 190 -26.73 -27.58 -9.67
N HIS D 191 -27.66 -28.51 -9.77
CA HIS D 191 -28.07 -29.03 -11.09
C HIS D 191 -29.61 -29.13 -11.08
N HIS D 192 -30.30 -28.57 -12.11
CA HIS D 192 -31.76 -28.72 -12.22
C HIS D 192 -32.18 -28.83 -13.67
N ALA D 193 -33.08 -29.75 -13.91
CA ALA D 193 -33.48 -30.01 -15.29
C ALA D 193 -34.31 -28.80 -15.72
N VAL D 194 -34.08 -28.33 -16.94
CA VAL D 194 -34.90 -27.26 -17.49
C VAL D 194 -35.97 -27.85 -18.43
N SER D 195 -35.69 -29.05 -18.90
CA SER D 195 -36.64 -29.86 -19.64
C SER D 195 -36.09 -31.27 -19.58
N ASP D 196 -36.56 -32.12 -20.47
CA ASP D 196 -36.00 -33.48 -20.63
C ASP D 196 -34.74 -33.56 -21.49
N HIS D 197 -34.28 -32.45 -22.02
CA HIS D 197 -33.05 -32.50 -22.74
C HIS D 197 -31.99 -31.46 -22.31
N GLU D 198 -32.32 -30.62 -21.31
CA GLU D 198 -31.42 -29.54 -20.86
C GLU D 198 -31.34 -29.43 -19.34
N ALA D 199 -30.20 -28.95 -18.80
CA ALA D 199 -30.09 -28.69 -17.36
C ALA D 199 -29.37 -27.44 -17.06
N THR D 200 -29.71 -26.78 -15.97
CA THR D 200 -28.96 -25.59 -15.56
C THR D 200 -27.94 -26.03 -14.56
N LEU D 201 -26.67 -25.67 -14.81
CA LEU D 201 -25.58 -25.98 -13.88
C LEU D 201 -25.31 -24.62 -13.24
N ARG D 202 -25.26 -24.57 -11.92
CA ARG D 202 -25.01 -23.29 -11.29
C ARG D 202 -23.89 -23.39 -10.24
N CYS D 203 -22.83 -22.60 -10.44
CA CYS D 203 -21.69 -22.67 -9.56
C CYS D 203 -21.85 -21.55 -8.48
N TRP D 204 -21.87 -21.93 -7.20
CA TRP D 204 -22.04 -20.99 -6.11
C TRP D 204 -20.79 -20.68 -5.30
N ALA D 205 -20.64 -19.40 -4.91
CA ALA D 205 -19.62 -19.02 -3.93
C ALA D 205 -20.33 -18.25 -2.86
N LEU D 206 -20.16 -18.69 -1.60
CA LEU D 206 -20.89 -18.13 -0.46
C LEU D 206 -19.99 -17.78 0.66
N SER D 207 -20.46 -16.77 1.41
CA SER D 207 -19.88 -16.40 2.69
C SER D 207 -18.41 -15.96 2.58
N PHE D 208 -18.05 -15.27 1.49
CA PHE D 208 -16.66 -14.83 1.33
C PHE D 208 -16.41 -13.35 1.57
N TYR D 209 -15.16 -13.02 1.85
CA TYR D 209 -14.71 -11.63 2.05
C TYR D 209 -13.20 -11.61 1.71
N PRO D 210 -12.68 -10.63 0.95
CA PRO D 210 -13.43 -9.48 0.41
C PRO D 210 -14.22 -9.84 -0.81
N ALA D 211 -14.84 -8.87 -1.44
CA ALA D 211 -15.81 -9.14 -2.51
C ALA D 211 -15.21 -9.69 -3.80
N GLU D 212 -13.96 -9.30 -4.06
CA GLU D 212 -13.36 -9.63 -5.34
C GLU D 212 -13.29 -11.16 -5.48
N ILE D 213 -13.78 -11.68 -6.61
CA ILE D 213 -13.82 -13.14 -6.81
C ILE D 213 -13.93 -13.41 -8.34
N THR D 214 -13.42 -14.54 -8.81
CA THR D 214 -13.69 -14.93 -10.20
C THR D 214 -14.34 -16.33 -10.23
N LEU D 215 -15.41 -16.49 -10.99
CA LEU D 215 -16.12 -17.73 -11.18
C LEU D 215 -16.20 -17.97 -12.70
N THR D 216 -15.81 -19.14 -13.16
CA THR D 216 -15.74 -19.36 -14.62
C THR D 216 -16.18 -20.76 -14.92
N TRP D 217 -16.83 -20.97 -16.03
CA TRP D 217 -17.21 -22.31 -16.42
C TRP D 217 -16.29 -22.68 -17.58
N GLN D 218 -15.81 -23.92 -17.60
CA GLN D 218 -15.10 -24.47 -18.74
C GLN D 218 -15.91 -25.64 -19.33
N ARG D 219 -15.85 -25.86 -20.65
CA ARG D 219 -16.39 -27.09 -21.21
C ARG D 219 -15.22 -27.74 -21.90
N ASP D 220 -14.86 -28.98 -21.50
CA ASP D 220 -13.47 -29.54 -21.72
C ASP D 220 -12.36 -28.54 -21.73
N GLY D 221 -12.25 -27.74 -20.69
CA GLY D 221 -11.13 -26.82 -20.73
C GLY D 221 -11.30 -25.50 -21.46
N GLU D 222 -12.38 -25.33 -22.24
CA GLU D 222 -12.57 -24.10 -23.00
C GLU D 222 -13.47 -23.18 -22.25
N ASP D 223 -13.09 -21.91 -22.11
CA ASP D 223 -13.93 -20.95 -21.37
C ASP D 223 -15.30 -20.75 -21.98
N GLN D 224 -16.35 -20.74 -21.18
CA GLN D 224 -17.70 -20.62 -21.74
C GLN D 224 -18.32 -19.25 -21.47
N THR D 225 -17.48 -18.25 -21.46
CA THR D 225 -17.88 -16.92 -21.03
C THR D 225 -19.05 -16.22 -21.80
N GLN D 226 -19.16 -16.42 -23.12
CA GLN D 226 -20.37 -15.96 -23.84
C GLN D 226 -21.67 -16.69 -23.42
N ASP D 227 -21.53 -17.90 -22.91
CA ASP D 227 -22.74 -18.63 -22.56
C ASP D 227 -23.03 -18.67 -21.05
N THR D 228 -22.20 -18.00 -20.26
CA THR D 228 -22.38 -18.04 -18.83
C THR D 228 -23.25 -16.82 -18.37
N GLU D 229 -24.20 -17.10 -17.49
CA GLU D 229 -24.92 -16.03 -16.79
C GLU D 229 -24.22 -15.79 -15.48
N LEU D 230 -23.67 -14.57 -15.31
CA LEU D 230 -22.90 -14.30 -14.08
C LEU D 230 -23.59 -13.18 -13.37
N VAL D 231 -24.07 -13.39 -12.15
CA VAL D 231 -24.74 -12.27 -11.50
C VAL D 231 -23.74 -11.35 -10.79
N GLU D 232 -24.18 -10.12 -10.53
CA GLU D 232 -23.38 -9.18 -9.78
C GLU D 232 -23.10 -9.71 -8.36
N THR D 233 -21.85 -9.62 -7.89
CA THR D 233 -21.54 -9.98 -6.49
C THR D 233 -22.45 -9.18 -5.53
N ARG D 234 -23.08 -9.91 -4.60
CA ARG D 234 -24.13 -9.37 -3.76
C ARG D 234 -23.78 -9.55 -2.29
N PRO D 235 -24.18 -8.58 -1.45
CA PRO D 235 -23.96 -8.71 -0.01
C PRO D 235 -24.91 -9.71 0.67
N ALA D 236 -24.40 -10.48 1.65
CA ALA D 236 -25.30 -11.36 2.39
C ALA D 236 -26.04 -10.55 3.46
N GLY D 237 -25.43 -9.44 3.85
CA GLY D 237 -25.91 -8.58 4.89
C GLY D 237 -25.19 -8.73 6.21
N ASP D 238 -24.31 -9.71 6.32
CA ASP D 238 -23.63 -9.99 7.57
C ASP D 238 -22.14 -9.70 7.42
N GLY D 239 -21.81 -8.95 6.38
CA GLY D 239 -20.42 -8.75 6.13
C GLY D 239 -19.71 -9.66 5.14
N THR D 240 -20.42 -10.62 4.58
CA THR D 240 -19.80 -11.45 3.55
C THR D 240 -20.58 -11.28 2.28
N PHE D 241 -20.04 -11.91 1.22
CA PHE D 241 -20.61 -11.77 -0.14
C PHE D 241 -20.95 -13.09 -0.78
N GLN D 242 -21.76 -13.04 -1.86
CA GLN D 242 -22.23 -14.24 -2.55
C GLN D 242 -22.16 -13.96 -4.00
N LYS D 243 -22.10 -15.01 -4.80
CA LYS D 243 -22.08 -14.84 -6.27
C LYS D 243 -22.31 -16.16 -6.90
N TRP D 244 -22.97 -16.20 -8.05
CA TRP D 244 -23.07 -17.48 -8.78
C TRP D 244 -22.87 -17.28 -10.24
N ALA D 245 -22.61 -18.36 -10.99
CA ALA D 245 -22.53 -18.32 -12.47
C ALA D 245 -23.23 -19.57 -12.98
N ALA D 246 -24.01 -19.45 -14.03
CA ALA D 246 -24.81 -20.57 -14.56
C ALA D 246 -24.64 -20.77 -16.01
N VAL D 247 -24.69 -22.02 -16.40
CA VAL D 247 -24.81 -22.36 -17.84
C VAL D 247 -25.94 -23.37 -18.03
N VAL D 248 -26.49 -23.42 -19.23
CA VAL D 248 -27.55 -24.34 -19.51
C VAL D 248 -27.00 -25.25 -20.54
N VAL D 249 -27.06 -26.55 -20.25
CA VAL D 249 -26.24 -27.55 -20.91
C VAL D 249 -27.14 -28.71 -21.45
N PRO D 250 -26.84 -29.35 -22.58
CA PRO D 250 -27.61 -30.56 -22.92
C PRO D 250 -27.39 -31.69 -21.86
N SER D 251 -28.47 -32.24 -21.34
CA SER D 251 -28.43 -33.41 -20.45
C SER D 251 -27.48 -34.54 -20.95
N GLY D 252 -26.66 -35.05 -20.07
CA GLY D 252 -25.67 -36.04 -20.45
C GLY D 252 -24.29 -35.45 -20.54
N GLN D 253 -24.18 -34.14 -20.71
CA GLN D 253 -22.85 -33.55 -20.92
C GLN D 253 -22.26 -32.95 -19.66
N GLU D 254 -22.93 -33.13 -18.54
CA GLU D 254 -22.46 -32.50 -17.28
C GLU D 254 -20.98 -32.70 -16.96
N GLN D 255 -20.47 -33.92 -17.13
CA GLN D 255 -19.07 -34.24 -16.82
C GLN D 255 -18.05 -33.45 -17.71
N ARG D 256 -18.54 -32.85 -18.81
CA ARG D 256 -17.66 -31.99 -19.61
C ARG D 256 -17.46 -30.63 -18.95
N TYR D 257 -18.34 -30.22 -18.03
CA TYR D 257 -18.29 -28.88 -17.48
C TYR D 257 -17.71 -28.78 -16.05
N THR D 258 -16.89 -27.80 -15.84
CA THR D 258 -16.18 -27.64 -14.57
C THR D 258 -16.30 -26.16 -14.21
N CYS D 259 -16.38 -25.86 -12.91
CA CYS D 259 -16.46 -24.46 -12.47
C CYS D 259 -15.17 -24.15 -11.76
N HIS D 260 -14.60 -22.98 -12.01
CA HIS D 260 -13.28 -22.64 -11.50
C HIS D 260 -13.44 -21.38 -10.67
N VAL D 261 -12.90 -21.39 -9.45
CA VAL D 261 -13.16 -20.33 -8.45
C VAL D 261 -11.81 -19.77 -7.97
N GLN D 262 -11.64 -18.46 -8.05
CA GLN D 262 -10.44 -17.80 -7.59
C GLN D 262 -10.84 -16.74 -6.56
N HIS D 263 -10.23 -16.81 -5.39
CA HIS D 263 -10.49 -15.87 -4.33
C HIS D 263 -9.18 -15.73 -3.52
N GLU D 264 -8.88 -14.55 -2.99
CA GLU D 264 -7.80 -14.30 -2.01
C GLU D 264 -7.67 -15.31 -0.84
N GLY D 265 -8.80 -15.81 -0.34
CA GLY D 265 -8.83 -16.77 0.77
C GLY D 265 -8.47 -18.17 0.37
N LEU D 266 -8.41 -18.41 -0.93
CA LEU D 266 -8.02 -19.74 -1.40
C LEU D 266 -6.52 -19.86 -1.69
N PRO D 267 -5.91 -20.84 -0.99
CA PRO D 267 -4.50 -21.17 -1.13
C PRO D 267 -4.12 -21.50 -2.56
N LYS D 268 -5.06 -22.11 -3.31
CA LYS D 268 -4.94 -22.41 -4.73
C LYS D 268 -6.33 -22.22 -5.29
N PRO D 269 -6.47 -21.83 -6.55
CA PRO D 269 -7.82 -21.75 -7.14
C PRO D 269 -8.56 -23.11 -7.17
N LEU D 270 -9.87 -23.13 -6.94
CA LEU D 270 -10.59 -24.42 -6.84
C LEU D 270 -11.22 -24.83 -8.15
N THR D 271 -11.24 -26.11 -8.46
CA THR D 271 -12.04 -26.55 -9.60
C THR D 271 -13.12 -27.48 -9.07
N LEU D 272 -14.38 -27.29 -9.45
CA LEU D 272 -15.47 -28.18 -9.00
C LEU D 272 -15.94 -28.97 -10.22
N ARG D 273 -16.20 -30.26 -10.00
CA ARG D 273 -16.52 -31.19 -11.07
C ARG D 273 -17.80 -31.99 -10.82
N TRP D 274 -18.35 -32.60 -11.87
CA TRP D 274 -19.59 -33.35 -11.76
C TRP D 274 -19.32 -34.89 -11.65
N GLU D 275 -18.10 -35.26 -11.33
CA GLU D 275 -17.71 -36.68 -11.28
C GLU D 275 -16.52 -36.73 -10.36
N MET E 1 -31.08 11.56 -21.50
CA MET E 1 -30.22 11.34 -20.36
C MET E 1 -29.91 9.83 -20.30
N ILE E 2 -28.77 9.48 -19.73
CA ILE E 2 -28.44 8.12 -19.35
C ILE E 2 -29.50 7.50 -18.46
N GLN E 3 -29.94 6.31 -18.86
CA GLN E 3 -30.76 5.55 -17.98
C GLN E 3 -30.21 4.12 -18.01
N ARG E 4 -30.12 3.47 -16.83
CA ARG E 4 -29.65 2.09 -16.81
C ARG E 4 -30.58 1.25 -15.88
N THR E 5 -30.95 0.06 -16.34
CA THR E 5 -31.95 -0.79 -15.72
C THR E 5 -31.42 -1.47 -14.46
N PRO E 6 -32.20 -1.57 -13.36
CA PRO E 6 -31.74 -2.34 -12.20
C PRO E 6 -31.69 -3.83 -12.52
N LYS E 7 -30.62 -4.46 -12.03
CA LYS E 7 -30.48 -5.94 -11.97
C LYS E 7 -30.94 -6.36 -10.59
N ILE E 8 -31.97 -7.23 -10.51
CA ILE E 8 -32.67 -7.39 -9.24
C ILE E 8 -32.35 -8.84 -8.85
N GLN E 9 -31.88 -9.05 -7.64
CA GLN E 9 -31.66 -10.37 -7.06
C GLN E 9 -32.42 -10.48 -5.71
N VAL E 10 -33.14 -11.61 -5.50
CA VAL E 10 -33.91 -11.83 -4.27
C VAL E 10 -33.44 -13.18 -3.67
N TYR E 11 -32.98 -13.20 -2.42
CA TYR E 11 -32.30 -14.40 -1.98
C TYR E 11 -32.26 -14.28 -0.47
N SER E 12 -31.94 -15.37 0.18
CA SER E 12 -31.83 -15.35 1.65
C SER E 12 -30.35 -15.22 2.08
N ARG E 13 -30.11 -14.73 3.31
CA ARG E 13 -28.72 -14.51 3.79
C ARG E 13 -28.03 -15.84 3.96
N HIS E 14 -28.75 -16.78 4.55
CA HIS E 14 -28.31 -18.14 4.83
C HIS E 14 -29.19 -19.17 4.10
N PRO E 15 -28.71 -20.41 3.93
CA PRO E 15 -29.55 -21.50 3.40
C PRO E 15 -30.88 -21.64 4.13
N ALA E 16 -31.97 -21.58 3.36
CA ALA E 16 -33.28 -21.48 3.95
C ALA E 16 -33.63 -22.81 4.60
N GLU E 17 -34.10 -22.73 5.84
CA GLU E 17 -34.61 -23.96 6.52
C GLU E 17 -35.94 -23.55 7.08
N ASN E 18 -36.99 -24.31 6.77
CA ASN E 18 -38.35 -24.04 7.30
C ASN E 18 -38.29 -23.93 8.82
N GLY E 19 -38.75 -22.81 9.36
CA GLY E 19 -38.78 -22.64 10.82
C GLY E 19 -37.58 -21.97 11.47
N LYS E 20 -36.52 -21.65 10.71
CA LYS E 20 -35.30 -21.06 11.26
C LYS E 20 -35.21 -19.64 10.74
N SER E 21 -35.14 -18.66 11.65
CA SER E 21 -35.11 -17.26 11.18
C SER E 21 -33.90 -17.04 10.35
N ASN E 22 -34.03 -16.03 9.51
CA ASN E 22 -33.10 -15.79 8.42
C ASN E 22 -33.39 -14.33 8.07
N PHE E 23 -32.79 -13.87 6.98
CA PHE E 23 -32.97 -12.53 6.43
C PHE E 23 -33.27 -12.68 4.93
N LEU E 24 -34.32 -12.02 4.50
CA LEU E 24 -34.66 -11.97 3.06
C LEU E 24 -34.12 -10.71 2.49
N ASN E 25 -33.36 -10.83 1.41
CA ASN E 25 -32.71 -9.71 0.76
C ASN E 25 -33.25 -9.42 -0.65
N CYS E 26 -33.27 -8.14 -1.01
CA CYS E 26 -33.53 -7.77 -2.39
C CYS E 26 -32.41 -6.82 -2.70
N TYR E 27 -31.49 -7.23 -3.57
CA TYR E 27 -30.36 -6.39 -3.97
C TYR E 27 -30.59 -5.84 -5.34
N VAL E 28 -30.46 -4.54 -5.49
CA VAL E 28 -30.76 -3.93 -6.78
C VAL E 28 -29.52 -3.17 -7.19
N SER E 29 -29.02 -3.43 -8.38
CA SER E 29 -27.70 -2.83 -8.68
C SER E 29 -27.70 -2.37 -10.11
N GLY E 30 -26.72 -1.56 -10.49
CA GLY E 30 -26.57 -1.33 -11.92
C GLY E 30 -27.45 -0.22 -12.48
N PHE E 31 -28.17 0.49 -11.60
CA PHE E 31 -29.22 1.41 -12.04
C PHE E 31 -28.84 2.91 -12.10
N HIS E 32 -29.60 3.68 -12.87
CA HIS E 32 -29.36 5.12 -13.04
C HIS E 32 -30.57 5.68 -13.76
N PRO E 33 -31.21 6.74 -13.26
CA PRO E 33 -30.84 7.49 -12.05
C PRO E 33 -31.26 6.78 -10.75
N SER E 34 -31.07 7.50 -9.64
CA SER E 34 -31.19 6.86 -8.38
C SER E 34 -32.56 6.64 -7.80
N ASP E 35 -33.58 7.38 -8.22
CA ASP E 35 -34.95 7.12 -7.70
C ASP E 35 -35.43 5.71 -8.18
N ILE E 36 -35.82 4.88 -7.21
CA ILE E 36 -36.23 3.54 -7.42
C ILE E 36 -37.16 3.23 -6.23
N GLU E 37 -38.08 2.29 -6.44
CA GLU E 37 -39.04 1.90 -5.44
C GLU E 37 -38.84 0.41 -5.32
N VAL E 38 -38.62 -0.06 -4.11
CA VAL E 38 -38.36 -1.49 -3.91
C VAL E 38 -39.23 -1.97 -2.74
N ASP E 39 -40.00 -3.08 -2.93
CA ASP E 39 -40.82 -3.57 -1.82
C ASP E 39 -40.57 -5.04 -1.73
N LEU E 40 -40.43 -5.56 -0.51
CA LEU E 40 -40.37 -7.00 -0.35
C LEU E 40 -41.80 -7.45 -0.08
N LEU E 41 -42.22 -8.55 -0.68
CA LEU E 41 -43.63 -9.03 -0.54
C LEU E 41 -43.72 -10.40 0.10
N LYS E 42 -44.81 -10.64 0.84
CA LYS E 42 -45.07 -11.90 1.48
C LYS E 42 -46.46 -12.22 1.07
N ASN E 43 -46.61 -13.33 0.33
CA ASN E 43 -47.88 -13.68 -0.35
C ASN E 43 -48.56 -12.46 -1.02
N GLY E 44 -47.75 -11.64 -1.68
CA GLY E 44 -48.23 -10.51 -2.46
C GLY E 44 -48.50 -9.21 -1.70
N GLU E 45 -48.29 -9.22 -0.39
CA GLU E 45 -48.59 -8.07 0.45
C GLU E 45 -47.24 -7.40 0.80
N ARG E 46 -47.16 -6.08 0.70
CA ARG E 46 -45.94 -5.38 0.96
C ARG E 46 -45.58 -5.59 2.45
N ILE E 47 -44.33 -5.99 2.71
CA ILE E 47 -43.89 -6.15 4.10
C ILE E 47 -43.49 -4.74 4.63
N GLU E 48 -44.00 -4.32 5.79
CA GLU E 48 -43.77 -2.91 6.20
C GLU E 48 -42.45 -2.69 6.98
N LYS E 49 -41.93 -3.71 7.63
CA LYS E 49 -40.67 -3.59 8.38
C LYS E 49 -39.49 -4.03 7.49
N VAL E 50 -39.19 -3.24 6.48
CA VAL E 50 -37.99 -3.49 5.67
C VAL E 50 -36.99 -2.36 5.84
N GLU E 51 -35.72 -2.72 6.06
CA GLU E 51 -34.66 -1.75 6.10
C GLU E 51 -33.91 -1.64 4.76
N HIS E 52 -33.14 -0.58 4.57
CA HIS E 52 -32.26 -0.52 3.40
C HIS E 52 -30.89 0.10 3.65
N SER E 53 -29.98 -0.21 2.74
CA SER E 53 -28.59 0.24 2.85
C SER E 53 -28.56 1.69 2.42
N ASP E 54 -27.45 2.36 2.72
CA ASP E 54 -27.27 3.74 2.30
C ASP E 54 -26.83 3.68 0.82
N LEU E 55 -27.38 4.55 0.00
CA LEU E 55 -27.09 4.58 -1.47
C LEU E 55 -25.62 4.79 -1.77
N SER E 56 -25.08 3.96 -2.63
CA SER E 56 -23.68 4.03 -3.00
C SER E 56 -23.67 3.66 -4.47
N PHE E 57 -22.49 3.69 -5.06
CA PHE E 57 -22.40 3.41 -6.47
C PHE E 57 -21.04 2.70 -6.83
N SER E 58 -21.00 2.04 -8.00
CA SER E 58 -19.85 1.36 -8.55
C SER E 58 -18.92 2.24 -9.34
N LYS E 59 -17.81 1.63 -9.78
CA LYS E 59 -16.79 2.32 -10.59
C LYS E 59 -17.40 2.92 -11.83
N ASP E 60 -18.42 2.27 -12.43
CA ASP E 60 -19.19 2.85 -13.59
C ASP E 60 -20.27 3.89 -13.30
N TRP E 61 -20.34 4.30 -12.04
CA TRP E 61 -21.33 5.27 -11.52
C TRP E 61 -22.75 4.72 -11.27
N SER E 62 -22.98 3.42 -11.50
CA SER E 62 -24.31 2.90 -11.40
C SER E 62 -24.55 2.63 -9.97
N PHE E 63 -25.79 2.80 -9.54
CA PHE E 63 -26.15 2.74 -8.14
C PHE E 63 -26.45 1.36 -7.65
N TYR E 64 -26.32 1.15 -6.36
CA TYR E 64 -26.75 -0.16 -5.82
C TYR E 64 -27.38 0.07 -4.46
N LEU E 65 -28.29 -0.82 -4.05
CA LEU E 65 -29.06 -0.72 -2.78
C LEU E 65 -29.47 -2.15 -2.33
N LEU E 66 -29.38 -2.40 -1.03
CA LEU E 66 -29.83 -3.66 -0.48
C LEU E 66 -31.04 -3.36 0.35
N TYR E 67 -32.13 -4.12 0.15
CA TYR E 67 -33.28 -3.99 1.00
C TYR E 67 -33.34 -5.32 1.76
N TYR E 68 -33.72 -5.31 3.04
CA TYR E 68 -33.72 -6.58 3.73
C TYR E 68 -34.67 -6.60 4.92
N THR E 69 -35.11 -7.79 5.32
CA THR E 69 -35.97 -7.94 6.50
C THR E 69 -35.68 -9.33 7.11
N GLU E 70 -35.86 -9.46 8.41
CA GLU E 70 -35.79 -10.80 9.11
C GLU E 70 -37.01 -11.54 8.69
N PHE E 71 -36.88 -12.83 8.40
CA PHE E 71 -38.05 -13.62 8.14
C PHE E 71 -37.81 -15.05 8.58
N THR E 72 -38.88 -15.82 8.65
CA THR E 72 -38.80 -17.23 9.00
C THR E 72 -39.58 -17.94 7.91
N PRO E 73 -38.87 -18.63 7.04
CA PRO E 73 -39.47 -19.36 5.90
C PRO E 73 -40.40 -20.52 6.33
N THR E 74 -41.42 -20.80 5.52
CA THR E 74 -42.41 -21.87 5.73
C THR E 74 -42.52 -22.53 4.36
N GLU E 75 -43.00 -23.77 4.32
CA GLU E 75 -43.59 -24.35 3.11
C GLU E 75 -44.39 -23.43 2.23
N LYS E 76 -45.41 -22.83 2.80
CA LYS E 76 -46.47 -22.25 1.99
C LYS E 76 -46.23 -20.81 1.58
N ASP E 77 -45.48 -20.07 2.40
CA ASP E 77 -45.35 -18.61 2.15
C ASP E 77 -44.45 -18.31 0.94
N GLU E 78 -44.96 -17.43 0.05
CA GLU E 78 -44.29 -17.05 -1.17
C GLU E 78 -43.71 -15.67 -0.90
N TYR E 79 -42.43 -15.47 -1.20
CA TYR E 79 -41.76 -14.14 -1.06
C TYR E 79 -41.34 -13.59 -2.40
N ALA E 80 -41.26 -12.27 -2.52
CA ALA E 80 -40.89 -11.64 -3.80
C ALA E 80 -40.35 -10.28 -3.53
N CYS E 81 -39.75 -9.69 -4.53
CA CYS E 81 -39.35 -8.28 -4.49
C CYS E 81 -40.07 -7.59 -5.64
N ARG E 82 -40.55 -6.38 -5.43
CA ARG E 82 -41.25 -5.65 -6.48
C ARG E 82 -40.50 -4.36 -6.69
N VAL E 83 -40.06 -4.12 -7.92
CA VAL E 83 -39.23 -2.95 -8.23
C VAL E 83 -39.81 -2.08 -9.28
N ASN E 84 -39.86 -0.76 -9.04
CA ASN E 84 -40.12 0.18 -10.13
C ASN E 84 -38.98 1.20 -10.33
N HIS E 85 -38.83 1.63 -11.57
CA HIS E 85 -37.72 2.52 -11.98
C HIS E 85 -38.12 3.07 -13.30
N VAL E 86 -37.58 4.22 -13.72
CA VAL E 86 -38.03 4.80 -14.96
C VAL E 86 -37.71 3.90 -16.16
N THR E 87 -36.76 2.97 -16.02
CA THR E 87 -36.44 2.07 -17.18
C THR E 87 -37.44 0.91 -17.39
N LEU E 88 -38.28 0.66 -16.37
CA LEU E 88 -39.27 -0.47 -16.35
C LEU E 88 -40.65 0.03 -16.82
N SER E 89 -41.26 -0.67 -17.78
CA SER E 89 -42.60 -0.36 -18.25
C SER E 89 -43.69 -0.49 -17.19
N GLN E 90 -43.54 -1.50 -16.36
CA GLN E 90 -44.49 -1.76 -15.33
C GLN E 90 -43.57 -2.27 -14.22
N PRO E 91 -44.03 -2.30 -12.95
CA PRO E 91 -43.19 -2.88 -11.90
C PRO E 91 -42.88 -4.35 -12.16
N LYS E 92 -41.62 -4.65 -11.90
CA LYS E 92 -41.03 -5.95 -12.13
C LYS E 92 -41.06 -6.73 -10.83
N ILE E 93 -41.70 -7.89 -10.86
CA ILE E 93 -41.76 -8.71 -9.68
C ILE E 93 -40.78 -9.90 -9.87
N VAL E 94 -39.84 -10.04 -8.98
CA VAL E 94 -38.99 -11.27 -9.02
C VAL E 94 -39.26 -12.15 -7.81
N LYS E 95 -39.65 -13.41 -7.99
CA LYS E 95 -39.89 -14.25 -6.83
C LYS E 95 -38.62 -14.89 -6.24
N TRP E 96 -38.62 -15.03 -4.91
CA TRP E 96 -37.63 -15.85 -4.20
C TRP E 96 -37.73 -17.34 -4.60
N ASP E 97 -36.61 -17.91 -5.07
CA ASP E 97 -36.59 -19.27 -5.48
C ASP E 97 -35.55 -19.89 -4.61
N ARG E 98 -35.97 -20.72 -3.69
CA ARG E 98 -34.97 -21.21 -2.74
C ARG E 98 -34.20 -22.40 -3.23
N ASP E 99 -34.59 -22.98 -4.36
CA ASP E 99 -33.89 -24.16 -4.89
C ASP E 99 -32.94 -23.80 -6.01
N MET E 100 -32.39 -22.56 -6.06
CA MET E 100 -31.34 -22.27 -7.07
C MET E 100 -29.93 -22.79 -6.75
N ILE F 1 -10.91 9.69 7.46
CA ILE F 1 -11.59 11.02 7.31
C ILE F 1 -11.55 11.52 5.88
N MET F 2 -12.54 12.37 5.60
CA MET F 2 -12.77 12.98 4.34
C MET F 2 -11.79 14.13 4.16
N ASP F 3 -11.73 14.56 2.90
CA ASP F 3 -10.98 15.75 2.53
C ASP F 3 -11.69 17.03 2.96
N GLN F 4 -11.00 18.15 2.84
CA GLN F 4 -11.63 19.44 3.13
C GLN F 4 -12.63 19.79 2.00
N VAL F 5 -13.37 20.87 2.19
CA VAL F 5 -14.41 21.29 1.25
C VAL F 5 -13.93 21.33 -0.20
N PRO F 6 -14.68 20.68 -1.09
CA PRO F 6 -14.23 20.59 -2.47
C PRO F 6 -14.48 21.88 -3.20
N PHE F 7 -13.69 22.15 -4.22
CA PHE F 7 -13.80 23.38 -4.99
C PHE F 7 -14.93 23.12 -5.92
N SER F 8 -15.65 24.16 -6.24
CA SER F 8 -16.77 24.10 -7.15
C SER F 8 -16.39 23.86 -8.59
N VAL F 9 -17.25 23.18 -9.33
CA VAL F 9 -17.04 22.99 -10.76
C VAL F 9 -17.22 24.29 -11.60
#